data_5GYY
#
_entry.id   5GYY
#
_cell.length_a   62.249
_cell.length_b   135.121
_cell.length_c   153.907
_cell.angle_alpha   90.00
_cell.angle_beta   90.00
_cell.angle_gamma   90.00
#
_symmetry.space_group_name_H-M   'P 21 21 21'
#
loop_
_entity.id
_entity.type
_entity.pdbx_description
1 polymer 'S-receptor kinase SRK9'
2 polymer 'S-locus protein 11'
3 non-polymer 2-acetamido-2-deoxy-beta-D-glucopyranose
4 water water
#
loop_
_entity_poly.entity_id
_entity_poly.type
_entity_poly.pdbx_seq_one_letter_code
_entity_poly.pdbx_strand_id
1 'polypeptide(L)'
;AAAAALSTLSSTESLTISSNRTLVSPGNIFELGFFRTNSRWYLGMWYKKLSGRTYVWVANRDNPLSNSIGTLKISNMNLV
LLDHSNKSVWSTNLTRENVRSPVVAELLANGNFVVRDPSGFLWQSFDYPTDTLLPEMKLGYDLKTGLNRFLVSWRSSDDP
SSGDFSYKLDIQRGLPEFYTFKDNTLVHRTGPWNGIRFSGIPEEQQLSYMVYNFTENSEEVAYTFLVTNNSIYSRLTINF
SGFFERLTWTPSLVIWNPIWSSPASFQCDPYMICGPGSYCDVNTLPLCNCIQGFKPLNVQEWDMRDHTRGCIRRTRLSCR
GDGFTRMKNMKLPETTMATVDRSIGVKECEKKCLSDCNCTAFANADIRDGGTGCVIWTGRLDDMRNYAVSGQDLYVRLAA
ADVVE
;
A,B
2 'polypeptide(L)' AAANLRKTCVHRLNSGGSCGKSGQHDCEAFYTNKTNQKAFYCNCTSPFRTRYCDCAIAA G,H
#
# COMPACT_ATOMS: atom_id res chain seq x y z
N ALA A 4 -3.96 -48.72 -13.42
CA ALA A 4 -4.43 -47.40 -13.80
C ALA A 4 -3.97 -46.25 -12.85
N ALA A 5 -3.35 -45.24 -13.48
CA ALA A 5 -2.65 -44.14 -12.81
C ALA A 5 -3.52 -43.24 -11.93
N LEU A 6 -2.90 -42.57 -10.96
CA LEU A 6 -3.61 -41.55 -10.20
C LEU A 6 -3.58 -40.21 -10.93
N SER A 7 -2.84 -40.14 -12.02
CA SER A 7 -2.68 -38.89 -12.76
C SER A 7 -3.29 -38.91 -14.15
N THR A 8 -4.03 -39.97 -14.46
CA THR A 8 -4.53 -40.17 -15.82
C THR A 8 -6.06 -40.23 -15.88
N LEU A 9 -6.61 -39.67 -16.95
CA LEU A 9 -8.04 -39.74 -17.24
C LEU A 9 -8.27 -40.23 -18.67
N SER A 10 -8.69 -41.48 -18.81
CA SER A 10 -8.98 -42.04 -20.13
C SER A 10 -10.36 -41.68 -20.63
N SER A 11 -10.65 -42.05 -21.87
CA SER A 11 -11.91 -41.69 -22.49
C SER A 11 -13.10 -42.38 -21.81
N THR A 12 -12.83 -43.49 -21.12
CA THR A 12 -13.89 -44.21 -20.45
C THR A 12 -14.10 -43.76 -18.99
N GLU A 13 -13.21 -42.90 -18.51
CA GLU A 13 -13.22 -42.43 -17.13
C GLU A 13 -13.77 -41.00 -16.98
N SER A 14 -13.99 -40.58 -15.73
CA SER A 14 -14.44 -39.21 -15.44
C SER A 14 -14.21 -38.73 -14.00
N LEU A 15 -14.25 -37.43 -13.83
CA LEU A 15 -14.33 -36.82 -12.51
C LEU A 15 -15.71 -36.21 -12.43
N THR A 16 -16.42 -36.45 -11.34
CA THR A 16 -17.69 -35.77 -11.13
C THR A 16 -17.59 -35.07 -9.79
N ILE A 17 -18.41 -34.04 -9.58
CA ILE A 17 -18.43 -33.36 -8.29
C ILE A 17 -18.83 -34.34 -7.19
N SER A 18 -19.95 -35.02 -7.38
CA SER A 18 -20.51 -35.89 -6.35
C SER A 18 -19.66 -37.14 -6.02
N SER A 19 -18.78 -37.55 -6.92
CA SER A 19 -17.92 -38.70 -6.63
C SER A 19 -16.66 -38.33 -5.85
N ASN A 20 -16.35 -37.04 -5.80
CA ASN A 20 -15.12 -36.56 -5.13
C ASN A 20 -13.84 -37.09 -5.79
N ARG A 21 -13.97 -37.60 -7.01
CA ARG A 21 -12.84 -38.21 -7.71
C ARG A 21 -11.89 -37.06 -8.07
N THR A 22 -10.59 -37.29 -7.96
CA THR A 22 -9.61 -36.28 -8.35
C THR A 22 -8.46 -36.87 -9.12
N LEU A 23 -7.64 -35.99 -9.69
CA LEU A 23 -6.37 -36.35 -10.29
C LEU A 23 -5.25 -35.89 -9.39
N VAL A 24 -4.20 -36.71 -9.30
CA VAL A 24 -3.06 -36.41 -8.45
C VAL A 24 -1.76 -36.54 -9.24
N SER A 25 -0.94 -35.50 -9.18
CA SER A 25 0.31 -35.47 -9.94
C SER A 25 1.31 -36.48 -9.38
N PRO A 26 2.17 -37.06 -10.27
CA PRO A 26 3.26 -37.92 -9.82
C PRO A 26 4.13 -37.13 -8.87
N GLY A 27 4.50 -37.73 -7.74
CA GLY A 27 5.19 -36.98 -6.71
C GLY A 27 4.25 -36.27 -5.74
N ASN A 28 2.93 -36.35 -5.97
CA ASN A 28 1.92 -35.86 -5.00
C ASN A 28 1.88 -34.38 -4.64
N ILE A 29 2.42 -33.52 -5.49
CA ILE A 29 2.41 -32.09 -5.17
C ILE A 29 1.06 -31.46 -5.44
N PHE A 30 0.49 -31.78 -6.61
CA PHE A 30 -0.77 -31.18 -7.02
C PHE A 30 -1.92 -32.15 -7.10
N GLU A 31 -3.11 -31.61 -6.91
CA GLU A 31 -4.33 -32.37 -7.04
C GLU A 31 -5.27 -31.53 -7.87
N LEU A 32 -5.98 -32.19 -8.79
CA LEU A 32 -6.88 -31.48 -9.69
C LEU A 32 -8.25 -32.11 -9.55
N GLY A 33 -9.28 -31.27 -9.36
CA GLY A 33 -10.63 -31.74 -9.16
C GLY A 33 -11.57 -30.58 -8.97
N PHE A 34 -12.80 -30.84 -8.53
CA PHE A 34 -13.80 -29.78 -8.36
C PHE A 34 -13.71 -29.13 -6.99
N PHE A 35 -13.93 -27.82 -6.93
CA PHE A 35 -13.96 -27.10 -5.66
C PHE A 35 -15.01 -26.01 -5.73
N ARG A 36 -15.51 -25.59 -4.57
CA ARG A 36 -16.59 -24.60 -4.52
C ARG A 36 -16.17 -23.30 -3.83
N THR A 37 -16.56 -22.18 -4.42
CA THR A 37 -16.31 -20.85 -3.85
C THR A 37 -17.27 -19.86 -4.49
N ASN A 38 -17.65 -18.83 -3.72
CA ASN A 38 -18.66 -17.86 -4.16
C ASN A 38 -19.96 -18.53 -4.64
N SER A 39 -20.32 -19.63 -3.99
CA SER A 39 -21.54 -20.40 -4.28
C SER A 39 -21.52 -21.20 -5.59
N ARG A 40 -20.40 -21.16 -6.31
CA ARG A 40 -20.31 -21.78 -7.63
C ARG A 40 -19.27 -22.91 -7.65
N TRP A 41 -19.43 -23.86 -8.56
CA TRP A 41 -18.46 -24.95 -8.65
C TRP A 41 -17.51 -24.75 -9.83
N TYR A 42 -16.24 -25.08 -9.60
CA TYR A 42 -15.19 -24.90 -10.59
C TYR A 42 -14.29 -26.12 -10.58
N LEU A 43 -13.69 -26.40 -11.72
CA LEU A 43 -12.64 -27.40 -11.84
C LEU A 43 -11.32 -26.66 -11.66
N GLY A 44 -10.43 -27.18 -10.82
CA GLY A 44 -9.22 -26.46 -10.48
C GLY A 44 -8.12 -27.32 -9.93
N MET A 45 -6.97 -26.70 -9.67
CA MET A 45 -5.80 -27.38 -9.17
C MET A 45 -5.20 -26.69 -7.94
N TRP A 46 -4.75 -27.48 -6.97
CA TRP A 46 -4.22 -26.92 -5.74
C TRP A 46 -3.06 -27.77 -5.23
N TYR A 47 -2.35 -27.27 -4.21
CA TYR A 47 -1.27 -28.03 -3.59
C TYR A 47 -1.87 -29.10 -2.69
N LYS A 48 -1.59 -30.36 -3.02
CA LYS A 48 -2.14 -31.50 -2.30
C LYS A 48 -1.83 -31.51 -0.80
N LYS A 49 -0.59 -31.21 -0.45
CA LYS A 49 -0.11 -31.42 0.93
C LYS A 49 -0.36 -30.26 1.87
N LEU A 50 -0.89 -29.15 1.36
CA LEU A 50 -1.20 -27.99 2.19
C LEU A 50 -2.68 -28.05 2.60
N SER A 51 -2.95 -28.01 3.90
CA SER A 51 -4.33 -28.05 4.39
C SER A 51 -5.16 -26.80 4.07
N GLY A 52 -4.52 -25.64 4.08
CA GLY A 52 -5.19 -24.42 3.65
C GLY A 52 -5.17 -24.44 2.13
N ARG A 53 -6.34 -24.30 1.51
CA ARG A 53 -6.38 -24.45 0.06
C ARG A 53 -5.94 -23.27 -0.76
N THR A 54 -5.06 -23.58 -1.70
CA THR A 54 -4.45 -22.60 -2.58
C THR A 54 -4.67 -23.04 -4.03
N TYR A 55 -5.60 -22.40 -4.72
CA TYR A 55 -5.90 -22.78 -6.10
C TYR A 55 -5.00 -22.05 -7.09
N VAL A 56 -4.07 -22.80 -7.67
CA VAL A 56 -3.04 -22.21 -8.53
C VAL A 56 -3.44 -22.20 -10.00
N TRP A 57 -4.59 -22.81 -10.30
CA TRP A 57 -5.08 -22.90 -11.66
C TRP A 57 -6.57 -23.26 -11.66
N VAL A 58 -7.35 -22.53 -12.44
CA VAL A 58 -8.79 -22.82 -12.57
C VAL A 58 -9.14 -22.92 -14.06
N ALA A 59 -9.76 -24.03 -14.44
CA ALA A 59 -10.12 -24.29 -15.83
C ALA A 59 -11.25 -23.39 -16.33
N ASN A 60 -12.36 -23.37 -15.62
CA ASN A 60 -13.57 -22.73 -16.13
C ASN A 60 -13.94 -21.47 -15.34
N ARG A 61 -12.96 -20.59 -15.17
CA ARG A 61 -13.10 -19.46 -14.23
C ARG A 61 -14.24 -18.51 -14.60
N ASP A 62 -14.58 -18.43 -15.88
CA ASP A 62 -15.63 -17.51 -16.29
C ASP A 62 -16.90 -18.25 -16.72
N ASN A 63 -16.88 -19.57 -16.50
CA ASN A 63 -17.99 -20.44 -16.86
C ASN A 63 -18.31 -21.41 -15.73
N PRO A 64 -18.87 -20.89 -14.62
CA PRO A 64 -19.09 -21.66 -13.40
C PRO A 64 -20.24 -22.64 -13.52
N LEU A 65 -20.12 -23.79 -12.89
CA LEU A 65 -21.26 -24.68 -12.68
C LEU A 65 -22.18 -24.17 -11.57
N SER A 66 -23.47 -24.03 -11.88
CA SER A 66 -24.47 -23.49 -10.95
C SER A 66 -24.75 -24.39 -9.75
N ASN A 67 -24.55 -25.69 -9.89
CA ASN A 67 -24.92 -26.64 -8.83
C ASN A 67 -24.02 -27.86 -8.74
N SER A 68 -24.27 -28.67 -7.72
CA SER A 68 -23.40 -29.80 -7.33
C SER A 68 -23.30 -30.94 -8.34
N ILE A 69 -23.80 -30.73 -9.54
CA ILE A 69 -23.74 -31.73 -10.60
C ILE A 69 -22.77 -31.33 -11.71
N GLY A 70 -21.70 -32.08 -11.90
CA GLY A 70 -20.73 -31.75 -12.93
C GLY A 70 -19.85 -32.90 -13.33
N THR A 71 -19.41 -32.91 -14.59
CA THR A 71 -18.62 -34.02 -15.10
C THR A 71 -17.48 -33.57 -16.03
N LEU A 72 -16.26 -33.97 -15.68
CA LEU A 72 -15.11 -33.76 -16.54
C LEU A 72 -14.77 -35.07 -17.27
N LYS A 73 -14.73 -35.03 -18.60
CA LYS A 73 -14.36 -36.22 -19.35
C LYS A 73 -13.94 -35.94 -20.78
N ILE A 74 -13.33 -36.93 -21.40
CA ILE A 74 -13.01 -36.87 -22.82
C ILE A 74 -14.28 -37.20 -23.55
N SER A 75 -14.68 -36.31 -24.47
CA SER A 75 -15.85 -36.59 -25.30
C SER A 75 -15.52 -36.30 -26.74
N ASN A 76 -15.69 -37.32 -27.58
CA ASN A 76 -15.34 -37.22 -29.00
C ASN A 76 -13.94 -36.67 -29.18
N MET A 77 -13.00 -37.23 -28.42
CA MET A 77 -11.61 -36.83 -28.49
C MET A 77 -11.44 -35.35 -28.14
N ASN A 78 -12.08 -34.95 -27.04
CA ASN A 78 -11.98 -33.60 -26.50
C ASN A 78 -12.23 -33.57 -24.99
N LEU A 79 -11.51 -32.71 -24.28
CA LEU A 79 -11.70 -32.57 -22.84
C LEU A 79 -12.84 -31.58 -22.60
N VAL A 80 -13.85 -32.05 -21.87
CA VAL A 80 -15.06 -31.27 -21.69
C VAL A 80 -15.67 -31.32 -20.26
N LEU A 81 -16.36 -30.24 -19.90
CA LEU A 81 -16.98 -30.08 -18.59
C LEU A 81 -18.49 -29.93 -18.78
N LEU A 82 -19.26 -30.91 -18.31
CA LEU A 82 -20.71 -30.93 -18.55
C LEU A 82 -21.50 -30.57 -17.29
N ASP A 83 -22.50 -29.70 -17.44
CA ASP A 83 -23.40 -29.34 -16.33
C ASP A 83 -24.48 -30.38 -16.07
N HIS A 84 -25.47 -29.99 -15.26
CA HIS A 84 -26.54 -30.91 -14.85
C HIS A 84 -27.38 -31.40 -16.02
N SER A 85 -27.48 -30.57 -17.06
CA SER A 85 -28.28 -30.93 -18.21
C SER A 85 -27.39 -31.43 -19.34
N ASN A 86 -26.37 -32.20 -18.97
CA ASN A 86 -25.42 -32.80 -19.91
C ASN A 86 -24.94 -31.85 -21.01
N LYS A 87 -25.04 -30.55 -20.75
CA LYS A 87 -24.58 -29.55 -21.69
C LYS A 87 -23.17 -29.11 -21.35
N SER A 88 -22.33 -28.97 -22.37
CA SER A 88 -20.96 -28.53 -22.18
C SER A 88 -20.92 -27.09 -21.72
N VAL A 89 -20.19 -26.87 -20.62
CA VAL A 89 -20.07 -25.55 -20.03
C VAL A 89 -18.64 -25.02 -20.18
N TRP A 90 -17.71 -25.92 -20.49
CA TRP A 90 -16.33 -25.58 -20.81
C TRP A 90 -15.69 -26.73 -21.60
N SER A 91 -14.73 -26.41 -22.46
CA SER A 91 -13.97 -27.44 -23.18
C SER A 91 -12.73 -26.88 -23.83
N THR A 92 -11.75 -27.75 -24.04
CA THR A 92 -10.62 -27.42 -24.89
C THR A 92 -11.08 -27.42 -26.34
N ASN A 93 -10.82 -26.35 -27.07
CA ASN A 93 -11.18 -26.35 -28.49
C ASN A 93 -9.95 -26.72 -29.29
N LEU A 94 -9.89 -27.98 -29.73
CA LEU A 94 -8.63 -28.58 -30.17
C LEU A 94 -7.94 -28.02 -31.42
N THR A 95 -6.61 -28.12 -31.38
CA THR A 95 -5.70 -27.57 -32.38
C THR A 95 -5.30 -28.54 -33.50
N ARG A 96 -5.99 -29.67 -33.60
CA ARG A 96 -5.67 -30.64 -34.63
C ARG A 96 -6.90 -31.30 -35.27
N GLU A 97 -6.73 -31.84 -36.48
CA GLU A 97 -7.85 -32.36 -37.25
C GLU A 97 -7.83 -33.87 -37.46
N ASN A 98 -6.68 -34.48 -37.22
CA ASN A 98 -6.55 -35.91 -37.49
C ASN A 98 -6.17 -36.67 -36.25
N VAL A 99 -6.72 -36.23 -35.12
CA VAL A 99 -6.42 -36.84 -33.84
C VAL A 99 -6.88 -38.28 -33.80
N ARG A 100 -6.02 -39.14 -33.25
CA ARG A 100 -6.26 -40.58 -33.17
C ARG A 100 -6.50 -40.99 -31.73
N SER A 101 -7.04 -42.18 -31.54
CA SER A 101 -7.16 -42.77 -30.22
C SER A 101 -5.82 -43.44 -29.86
N PRO A 102 -5.49 -43.55 -28.55
CA PRO A 102 -6.25 -43.02 -27.40
C PRO A 102 -5.97 -41.56 -27.09
N VAL A 103 -7.04 -40.80 -26.85
CA VAL A 103 -6.92 -39.44 -26.37
C VAL A 103 -6.92 -39.53 -24.85
N VAL A 104 -5.91 -38.94 -24.21
CA VAL A 104 -5.76 -39.05 -22.76
C VAL A 104 -5.51 -37.69 -22.10
N ALA A 105 -6.19 -37.43 -20.98
CA ALA A 105 -5.91 -36.24 -20.18
C ALA A 105 -4.98 -36.65 -19.04
N GLU A 106 -3.96 -35.84 -18.78
CA GLU A 106 -2.93 -36.23 -17.83
C GLU A 106 -2.31 -35.05 -17.09
N LEU A 107 -2.21 -35.21 -15.77
CA LEU A 107 -1.55 -34.27 -14.89
C LEU A 107 -0.11 -34.68 -14.72
N LEU A 108 0.81 -33.82 -15.17
CA LEU A 108 2.23 -34.09 -15.06
C LEU A 108 2.78 -33.64 -13.71
N ALA A 109 3.97 -34.10 -13.38
CA ALA A 109 4.59 -33.82 -12.09
C ALA A 109 4.70 -32.34 -11.74
N ASN A 110 4.80 -31.50 -12.76
CA ASN A 110 4.95 -30.06 -12.58
C ASN A 110 3.63 -29.30 -12.54
N GLY A 111 2.52 -30.03 -12.49
CA GLY A 111 1.21 -29.39 -12.44
C GLY A 111 0.67 -29.02 -13.80
N ASN A 112 1.41 -29.37 -14.85
CA ASN A 112 0.89 -29.18 -16.20
C ASN A 112 -0.23 -30.19 -16.44
N PHE A 113 -1.41 -29.69 -16.75
CA PHE A 113 -2.53 -30.56 -17.09
C PHE A 113 -2.65 -30.59 -18.62
N VAL A 114 -2.52 -31.80 -19.15
CA VAL A 114 -2.24 -32.02 -20.56
C VAL A 114 -3.25 -32.96 -21.22
N VAL A 115 -3.71 -32.56 -22.40
CA VAL A 115 -4.45 -33.47 -23.27
C VAL A 115 -3.55 -33.92 -24.45
N ARG A 116 -3.41 -35.22 -24.64
CA ARG A 116 -2.49 -35.74 -25.66
C ARG A 116 -3.00 -36.80 -26.65
N ASP A 117 -2.23 -36.97 -27.72
CA ASP A 117 -2.48 -37.94 -28.77
C ASP A 117 -1.39 -38.98 -28.71
N PRO A 118 -1.52 -40.03 -29.55
CA PRO A 118 -0.32 -40.82 -29.82
C PRO A 118 0.74 -39.95 -30.49
N SER A 119 0.30 -38.86 -31.10
CA SER A 119 1.18 -37.93 -31.80
C SER A 119 1.70 -36.76 -30.93
N GLY A 120 1.22 -36.65 -29.70
CA GLY A 120 1.73 -35.61 -28.81
C GLY A 120 0.67 -34.75 -28.15
N PHE A 121 1.10 -33.65 -27.52
CA PHE A 121 0.20 -32.75 -26.82
C PHE A 121 -0.80 -32.06 -27.75
N LEU A 122 -2.08 -32.07 -27.37
CA LEU A 122 -3.10 -31.33 -28.08
C LEU A 122 -3.41 -30.02 -27.34
N TRP A 123 -3.35 -30.08 -26.01
CA TRP A 123 -3.68 -28.93 -25.17
C TRP A 123 -2.90 -29.02 -23.87
N GLN A 124 -2.53 -27.88 -23.30
CA GLN A 124 -1.79 -27.84 -22.05
C GLN A 124 -2.27 -26.67 -21.19
N SER A 125 -2.54 -26.93 -19.90
CA SER A 125 -2.89 -25.87 -18.97
C SER A 125 -1.78 -24.82 -18.87
N PHE A 126 -0.53 -25.26 -19.03
CA PHE A 126 0.62 -24.36 -19.00
C PHE A 126 0.53 -23.24 -20.03
N ASP A 127 -0.25 -23.47 -21.08
CA ASP A 127 -0.46 -22.45 -22.10
C ASP A 127 -1.58 -21.49 -21.72
N TYR A 128 -2.36 -21.86 -20.70
CA TYR A 128 -3.49 -21.05 -20.28
C TYR A 128 -3.46 -20.82 -18.78
N PRO A 129 -2.51 -20.00 -18.33
CA PRO A 129 -2.43 -19.76 -16.88
C PRO A 129 -3.65 -18.98 -16.34
N THR A 130 -3.88 -19.12 -15.04
CA THR A 130 -4.94 -18.35 -14.39
C THR A 130 -4.35 -17.08 -13.83
N ASP A 131 -3.96 -17.08 -12.56
CA ASP A 131 -3.31 -15.90 -11.95
C ASP A 131 -1.89 -16.20 -11.51
N THR A 132 -1.43 -17.42 -11.76
CA THR A 132 -0.24 -17.94 -11.12
C THR A 132 0.77 -18.60 -12.07
N LEU A 133 2.03 -18.23 -11.90
CA LEU A 133 3.14 -18.90 -12.54
C LEU A 133 3.72 -19.90 -11.57
N LEU A 134 3.69 -21.19 -11.92
CA LEU A 134 4.29 -22.24 -11.12
C LEU A 134 5.70 -22.47 -11.68
N PRO A 135 6.56 -23.22 -10.95
CA PRO A 135 7.85 -23.61 -11.53
C PRO A 135 7.71 -24.29 -12.88
N GLU A 136 8.68 -24.06 -13.78
CA GLU A 136 8.68 -24.59 -15.16
C GLU A 136 7.69 -23.95 -16.11
N MET A 137 6.79 -23.10 -15.62
CA MET A 137 5.88 -22.38 -16.51
C MET A 137 6.61 -21.22 -17.20
N LYS A 138 6.15 -20.88 -18.39
CA LYS A 138 6.71 -19.81 -19.19
C LYS A 138 5.82 -18.56 -19.19
N LEU A 139 6.40 -17.45 -18.75
CA LEU A 139 5.67 -16.18 -18.72
C LEU A 139 6.14 -15.27 -19.84
N GLY A 140 5.31 -15.10 -20.86
CA GLY A 140 5.70 -14.36 -22.05
C GLY A 140 5.32 -15.05 -23.34
N TYR A 141 6.00 -14.70 -24.43
CA TYR A 141 5.62 -15.13 -25.78
C TYR A 141 6.14 -16.49 -26.22
N ASP A 142 5.27 -17.23 -26.89
CA ASP A 142 5.68 -18.36 -27.73
C ASP A 142 5.78 -17.85 -29.18
N LEU A 143 7.00 -17.68 -29.68
CA LEU A 143 7.18 -17.01 -30.98
C LEU A 143 6.72 -17.83 -32.18
N LYS A 144 6.81 -19.16 -32.06
CA LYS A 144 6.32 -20.07 -33.09
C LYS A 144 4.82 -19.88 -33.32
N THR A 145 4.08 -19.67 -32.23
CA THR A 145 2.64 -19.63 -32.34
C THR A 145 2.07 -18.22 -32.14
N GLY A 146 2.93 -17.31 -31.68
CA GLY A 146 2.55 -15.95 -31.38
C GLY A 146 1.73 -15.76 -30.10
N LEU A 147 1.48 -16.86 -29.38
CA LEU A 147 0.64 -16.80 -28.16
C LEU A 147 1.41 -16.19 -26.99
N ASN A 148 0.84 -15.14 -26.43
CA ASN A 148 1.38 -14.56 -25.20
C ASN A 148 0.73 -15.18 -23.96
N ARG A 149 1.54 -15.84 -23.13
CA ARG A 149 1.07 -16.41 -21.87
C ARG A 149 1.23 -15.38 -20.75
N PHE A 150 0.09 -14.95 -20.19
CA PHE A 150 0.09 -13.92 -19.15
C PHE A 150 -0.88 -14.24 -17.99
N LEU A 151 -0.86 -13.40 -16.95
CA LEU A 151 -1.62 -13.67 -15.71
C LEU A 151 -2.82 -12.74 -15.58
N VAL A 152 -3.94 -13.29 -15.16
CA VAL A 152 -5.13 -12.48 -14.93
C VAL A 152 -5.61 -12.81 -13.53
N SER A 153 -5.81 -11.79 -12.69
CA SER A 153 -6.11 -12.00 -11.29
C SER A 153 -7.55 -12.48 -11.05
N TRP A 154 -7.78 -13.13 -9.91
CA TRP A 154 -9.13 -13.37 -9.41
C TRP A 154 -9.81 -12.02 -9.18
N ARG A 155 -11.11 -11.97 -9.44
CA ARG A 155 -11.88 -10.76 -9.23
C ARG A 155 -11.81 -10.36 -7.75
N SER A 156 -11.83 -11.38 -6.89
CA SER A 156 -11.73 -11.13 -5.46
C SER A 156 -11.25 -12.41 -4.79
N SER A 157 -11.17 -12.37 -3.47
CA SER A 157 -10.73 -13.50 -2.67
C SER A 157 -11.63 -14.74 -2.85
N ASP A 158 -12.90 -14.52 -3.16
CA ASP A 158 -13.85 -15.62 -3.29
C ASP A 158 -14.23 -15.92 -4.74
N ASP A 159 -14.08 -14.93 -5.63
CA ASP A 159 -14.55 -15.05 -7.02
C ASP A 159 -13.38 -15.20 -8.00
N PRO A 160 -13.17 -16.41 -8.53
CA PRO A 160 -12.01 -16.73 -9.38
C PRO A 160 -12.16 -16.23 -10.81
N SER A 161 -13.31 -15.64 -11.14
CA SER A 161 -13.55 -15.12 -12.48
C SER A 161 -12.56 -14.00 -12.82
N SER A 162 -12.35 -13.78 -14.11
CA SER A 162 -11.28 -12.88 -14.56
C SER A 162 -11.41 -11.49 -13.95
N GLY A 163 -10.45 -11.14 -13.10
CA GLY A 163 -10.44 -9.84 -12.46
C GLY A 163 -9.99 -8.71 -13.36
N ASP A 164 -9.76 -7.55 -12.76
CA ASP A 164 -9.33 -6.38 -13.51
C ASP A 164 -7.83 -6.37 -13.83
N PHE A 165 -7.05 -7.10 -13.05
CA PHE A 165 -5.60 -7.01 -13.21
C PHE A 165 -4.99 -8.10 -14.09
N SER A 166 -4.14 -7.67 -15.01
CA SER A 166 -3.35 -8.62 -15.80
C SER A 166 -1.88 -8.26 -15.77
N TYR A 167 -1.04 -9.28 -15.74
CA TYR A 167 0.40 -9.07 -15.80
C TYR A 167 0.93 -9.65 -17.12
N LYS A 168 1.41 -8.79 -18.02
CA LYS A 168 1.78 -9.25 -19.37
C LYS A 168 3.12 -8.71 -19.85
N LEU A 169 3.77 -9.50 -20.71
CA LEU A 169 4.97 -9.08 -21.44
C LEU A 169 4.57 -8.32 -22.71
N ASP A 170 5.31 -7.26 -23.05
CA ASP A 170 5.20 -6.65 -24.37
C ASP A 170 6.59 -6.56 -25.02
N ILE A 171 6.72 -7.01 -26.28
CA ILE A 171 8.03 -7.04 -26.96
C ILE A 171 8.25 -6.10 -28.15
N GLN A 172 7.22 -5.34 -28.53
CA GLN A 172 7.32 -4.39 -29.64
C GLN A 172 7.87 -3.03 -29.18
N ARG A 173 9.15 -3.02 -28.84
CA ARG A 173 9.78 -1.85 -28.26
C ARG A 173 11.24 -2.24 -28.18
N GLY A 174 12.09 -1.35 -27.68
CA GLY A 174 13.52 -1.61 -27.66
C GLY A 174 13.90 -2.90 -26.96
N LEU A 175 13.37 -3.09 -25.76
CA LEU A 175 13.57 -4.32 -25.00
C LEU A 175 12.21 -4.84 -24.55
N PRO A 176 12.08 -6.17 -24.40
CA PRO A 176 10.86 -6.74 -23.82
C PRO A 176 10.62 -6.13 -22.43
N GLU A 177 9.37 -5.73 -22.15
CA GLU A 177 9.02 -5.16 -20.83
C GLU A 177 7.71 -5.77 -20.30
N PHE A 178 7.70 -6.06 -19.00
CA PHE A 178 6.46 -6.49 -18.32
C PHE A 178 5.64 -5.28 -17.86
N TYR A 179 4.32 -5.42 -17.93
CA TYR A 179 3.41 -4.37 -17.51
C TYR A 179 2.29 -4.94 -16.64
N THR A 180 1.74 -4.11 -15.74
CA THR A 180 0.49 -4.44 -15.06
C THR A 180 -0.65 -3.55 -15.59
N PHE A 181 -1.71 -4.17 -16.07
CA PHE A 181 -2.86 -3.40 -16.51
C PHE A 181 -4.04 -3.64 -15.57
N LYS A 182 -4.83 -2.58 -15.34
CA LYS A 182 -6.14 -2.70 -14.71
C LYS A 182 -7.18 -2.33 -15.77
N ASP A 183 -7.95 -3.33 -16.22
CA ASP A 183 -8.71 -3.25 -17.47
C ASP A 183 -7.77 -2.82 -18.62
N ASN A 184 -8.07 -1.69 -19.26
CA ASN A 184 -7.20 -1.19 -20.35
C ASN A 184 -6.16 -0.19 -19.85
N THR A 185 -6.22 0.13 -18.56
CA THR A 185 -5.31 1.13 -18.01
C THR A 185 -3.94 0.56 -17.68
N LEU A 186 -2.91 1.25 -18.16
CA LEU A 186 -1.55 0.85 -17.86
C LEU A 186 -1.25 1.39 -16.46
N VAL A 187 -1.08 0.50 -15.47
CA VAL A 187 -0.98 0.99 -14.07
C VAL A 187 0.40 0.89 -13.46
N HIS A 188 1.16 -0.10 -13.88
CA HIS A 188 2.55 -0.24 -13.43
C HIS A 188 3.40 -0.89 -14.51
N ARG A 189 4.66 -0.48 -14.55
CA ARG A 189 5.59 -1.00 -15.53
C ARG A 189 6.77 -1.69 -14.84
N THR A 190 6.80 -3.02 -14.90
CA THR A 190 7.95 -3.74 -14.38
C THR A 190 9.23 -3.45 -15.18
N GLY A 191 9.11 -3.32 -16.50
CA GLY A 191 10.26 -2.97 -17.35
C GLY A 191 11.17 -4.09 -17.86
N PRO A 192 12.33 -3.73 -18.41
CA PRO A 192 13.20 -4.70 -19.10
C PRO A 192 14.02 -5.60 -18.18
N TRP A 193 14.52 -6.70 -18.75
CA TRP A 193 15.48 -7.62 -18.12
C TRP A 193 16.89 -7.03 -18.25
N ASN A 194 17.77 -7.27 -17.27
CA ASN A 194 19.04 -6.53 -17.23
C ASN A 194 20.46 -7.14 -17.20
N GLY A 195 20.70 -8.43 -17.27
CA GLY A 195 19.77 -9.50 -17.05
C GLY A 195 20.26 -10.22 -15.81
N ILE A 196 20.00 -9.59 -14.67
CA ILE A 196 20.15 -10.25 -13.40
C ILE A 196 18.74 -10.40 -12.89
N ARG A 197 17.89 -9.46 -13.33
CA ARG A 197 16.66 -9.07 -12.67
C ARG A 197 15.86 -8.18 -13.63
N PHE A 198 14.59 -7.92 -13.34
CA PHE A 198 13.87 -6.89 -14.09
C PHE A 198 14.01 -5.53 -13.41
N SER A 199 14.10 -4.47 -14.22
CA SER A 199 14.33 -3.12 -13.74
C SER A 199 13.39 -2.65 -12.59
N GLY A 200 12.10 -2.92 -12.70
CA GLY A 200 11.13 -2.38 -11.76
C GLY A 200 10.76 -3.27 -10.59
N ILE A 201 11.44 -4.41 -10.46
CA ILE A 201 11.29 -5.31 -9.30
C ILE A 201 12.66 -5.70 -8.76
N PRO A 202 13.24 -4.82 -7.92
CA PRO A 202 14.60 -4.98 -7.42
C PRO A 202 14.81 -6.09 -6.38
N GLU A 203 13.74 -6.62 -5.79
CA GLU A 203 13.86 -7.65 -4.75
C GLU A 203 14.12 -9.06 -5.29
N GLU A 204 13.76 -9.31 -6.53
CA GLU A 204 13.95 -10.65 -7.08
C GLU A 204 15.43 -10.97 -7.20
N GLN A 205 15.80 -12.13 -6.69
CA GLN A 205 17.18 -12.57 -6.71
C GLN A 205 17.20 -14.08 -6.57
N GLN A 206 18.30 -14.69 -6.98
CA GLN A 206 18.45 -16.12 -6.83
C GLN A 206 18.37 -16.46 -5.36
N LEU A 207 17.69 -17.55 -5.04
CA LEU A 207 17.55 -18.00 -3.67
C LEU A 207 18.18 -19.39 -3.53
N SER A 208 18.32 -19.85 -2.30
CA SER A 208 18.90 -21.17 -2.10
C SER A 208 18.01 -22.27 -2.66
N TYR A 209 16.72 -21.97 -2.85
CA TYR A 209 15.77 -22.98 -3.30
C TYR A 209 15.12 -22.70 -4.66
N MET A 210 15.42 -21.54 -5.25
CA MET A 210 14.89 -21.27 -6.59
C MET A 210 15.82 -20.42 -7.45
N VAL A 211 15.88 -20.77 -8.72
CA VAL A 211 16.67 -20.01 -9.66
C VAL A 211 15.73 -19.66 -10.79
N TYR A 212 16.04 -18.58 -11.50
CA TYR A 212 15.20 -18.16 -12.60
C TYR A 212 16.05 -17.62 -13.73
N ASN A 213 15.41 -17.40 -14.88
CA ASN A 213 16.06 -16.81 -16.04
C ASN A 213 15.04 -16.23 -16.99
N PHE A 214 15.52 -15.44 -17.94
CA PHE A 214 14.69 -14.86 -18.98
C PHE A 214 15.27 -15.31 -20.32
N THR A 215 14.52 -16.13 -21.05
CA THR A 215 15.00 -16.65 -22.32
C THR A 215 14.51 -15.74 -23.43
N GLU A 216 15.43 -15.28 -24.25
CA GLU A 216 15.06 -14.44 -25.37
C GLU A 216 15.79 -14.94 -26.61
N ASN A 217 15.15 -15.85 -27.31
CA ASN A 217 15.72 -16.41 -28.52
C ASN A 217 14.67 -16.46 -29.62
N SER A 218 14.85 -17.37 -30.58
CA SER A 218 13.96 -17.47 -31.74
C SER A 218 12.62 -18.15 -31.49
N GLU A 219 12.58 -19.05 -30.51
CA GLU A 219 11.36 -19.78 -30.16
C GLU A 219 10.49 -19.14 -29.09
N GLU A 220 11.11 -18.36 -28.20
CA GLU A 220 10.35 -17.79 -27.09
C GLU A 220 10.99 -16.55 -26.49
N VAL A 221 10.11 -15.70 -25.97
CA VAL A 221 10.53 -14.56 -25.16
C VAL A 221 9.76 -14.66 -23.85
N ALA A 222 10.34 -15.35 -22.88
CA ALA A 222 9.63 -15.64 -21.64
C ALA A 222 10.56 -15.79 -20.44
N TYR A 223 9.94 -15.65 -19.27
CA TYR A 223 10.59 -15.79 -17.98
C TYR A 223 10.18 -17.13 -17.37
N THR A 224 11.14 -17.79 -16.72
CA THR A 224 10.88 -19.06 -16.03
C THR A 224 11.74 -19.15 -14.76
N PHE A 225 11.15 -19.65 -13.68
CA PHE A 225 11.92 -20.04 -12.50
C PHE A 225 11.76 -21.54 -12.21
N LEU A 226 12.72 -22.10 -11.49
CA LEU A 226 12.63 -23.48 -11.04
C LEU A 226 12.81 -23.50 -9.54
N VAL A 227 12.05 -24.35 -8.85
CA VAL A 227 12.32 -24.55 -7.44
C VAL A 227 13.19 -25.79 -7.30
N THR A 228 14.34 -25.60 -6.65
CA THR A 228 15.38 -26.62 -6.61
C THR A 228 15.37 -27.49 -5.35
N ASN A 229 14.42 -27.23 -4.46
CA ASN A 229 14.18 -28.11 -3.30
C ASN A 229 12.73 -28.62 -3.38
N ASN A 230 12.59 -29.91 -3.63
CA ASN A 230 11.30 -30.56 -3.82
C ASN A 230 10.30 -30.38 -2.65
N SER A 231 10.82 -30.03 -1.47
CA SER A 231 9.99 -29.90 -0.28
C SER A 231 9.49 -28.48 -0.09
N ILE A 232 9.94 -27.59 -0.99
CA ILE A 232 9.58 -26.18 -0.93
C ILE A 232 8.62 -25.70 -2.04
N TYR A 233 7.57 -24.98 -1.66
CA TYR A 233 6.64 -24.41 -2.62
C TYR A 233 6.84 -22.91 -2.75
N SER A 234 7.13 -22.46 -3.97
CA SER A 234 7.23 -21.04 -4.31
C SER A 234 6.41 -20.79 -5.57
N ARG A 235 5.87 -19.58 -5.71
CA ARG A 235 5.01 -19.25 -6.84
C ARG A 235 4.97 -17.75 -7.03
N LEU A 236 4.55 -17.33 -8.22
CA LEU A 236 4.30 -15.93 -8.51
C LEU A 236 2.83 -15.83 -8.81
N THR A 237 2.17 -14.90 -8.15
CA THR A 237 0.73 -14.73 -8.31
C THR A 237 0.40 -13.27 -8.31
N ILE A 238 -0.45 -12.84 -9.22
CA ILE A 238 -0.99 -11.50 -9.09
C ILE A 238 -2.33 -11.60 -8.38
N ASN A 239 -2.40 -11.00 -7.18
CA ASN A 239 -3.59 -11.12 -6.35
C ASN A 239 -4.71 -10.20 -6.78
N PHE A 240 -5.88 -10.33 -6.14
CA PHE A 240 -7.03 -9.55 -6.57
C PHE A 240 -6.84 -8.04 -6.45
N SER A 241 -5.92 -7.61 -5.59
CA SER A 241 -5.70 -6.17 -5.41
C SER A 241 -4.71 -5.60 -6.41
N GLY A 242 -4.20 -6.47 -7.29
CA GLY A 242 -3.31 -6.06 -8.34
C GLY A 242 -1.83 -6.12 -8.01
N PHE A 243 -1.44 -6.81 -6.95
CA PHE A 243 -0.03 -6.95 -6.67
C PHE A 243 0.47 -8.28 -7.20
N PHE A 244 1.52 -8.20 -8.02
CA PHE A 244 2.27 -9.34 -8.48
C PHE A 244 3.29 -9.64 -7.38
N GLU A 245 3.33 -10.87 -6.90
CA GLU A 245 4.14 -11.22 -5.74
C GLU A 245 4.82 -12.56 -5.91
N ARG A 246 6.01 -12.70 -5.35
CA ARG A 246 6.54 -14.04 -5.07
C ARG A 246 6.11 -14.52 -3.68
N LEU A 247 5.53 -15.71 -3.62
CA LEU A 247 5.09 -16.28 -2.37
C LEU A 247 5.79 -17.62 -2.16
N THR A 248 6.30 -17.82 -0.96
CA THR A 248 6.93 -19.08 -0.60
C THR A 248 6.26 -19.55 0.68
N TRP A 249 5.74 -20.79 0.65
CA TRP A 249 5.09 -21.35 1.82
C TRP A 249 6.11 -21.60 2.91
N THR A 250 5.92 -20.96 4.06
CA THR A 250 6.85 -21.05 5.17
C THR A 250 6.13 -21.67 6.38
N PRO A 251 6.40 -22.96 6.65
CA PRO A 251 5.72 -23.71 7.71
C PRO A 251 5.73 -22.99 9.06
N SER A 252 6.88 -22.44 9.43
CA SER A 252 7.03 -21.81 10.74
C SER A 252 6.17 -20.55 10.86
N LEU A 253 5.81 -19.97 9.72
CA LEU A 253 4.90 -18.82 9.70
C LEU A 253 3.44 -19.24 9.47
N VAL A 254 3.23 -20.48 9.05
CA VAL A 254 1.89 -20.97 8.66
C VAL A 254 1.26 -20.00 7.67
N ILE A 255 2.00 -19.64 6.63
CA ILE A 255 1.48 -18.65 5.70
C ILE A 255 2.28 -18.70 4.41
N TRP A 256 1.63 -18.27 3.34
CA TRP A 256 2.33 -18.00 2.12
C TRP A 256 3.08 -16.67 2.31
N ASN A 257 4.39 -16.79 2.51
CA ASN A 257 5.20 -15.62 2.83
C ASN A 257 5.56 -14.82 1.59
N PRO A 258 5.22 -13.53 1.60
CA PRO A 258 5.56 -12.66 0.45
C PRO A 258 7.04 -12.27 0.43
N ILE A 259 7.80 -12.94 -0.43
CA ILE A 259 9.20 -12.63 -0.66
C ILE A 259 9.32 -11.22 -1.24
N TRP A 260 8.42 -10.88 -2.17
CA TRP A 260 8.31 -9.49 -2.61
C TRP A 260 6.93 -9.15 -3.16
N SER A 261 6.63 -7.87 -3.26
CA SER A 261 5.34 -7.42 -3.79
C SER A 261 5.56 -6.22 -4.67
N SER A 262 4.93 -6.25 -5.84
CA SER A 262 5.06 -5.19 -6.82
C SER A 262 3.68 -4.79 -7.30
N PRO A 263 3.39 -3.46 -7.33
CA PRO A 263 4.29 -2.35 -6.98
C PRO A 263 4.60 -2.27 -5.49
N ALA A 264 5.84 -1.99 -5.17
CA ALA A 264 6.31 -1.99 -3.78
C ALA A 264 6.06 -0.67 -3.09
N SER A 265 5.94 0.40 -3.87
CA SER A 265 5.77 1.74 -3.31
C SER A 265 4.70 2.50 -4.05
N PHE A 266 3.67 2.94 -3.33
CA PHE A 266 2.60 3.75 -3.92
C PHE A 266 3.15 5.12 -4.27
N GLN A 267 4.24 5.49 -3.62
CA GLN A 267 4.88 6.78 -3.85
C GLN A 267 5.56 6.88 -5.24
N CYS A 268 6.37 5.88 -5.60
CA CYS A 268 7.23 6.00 -6.79
C CYS A 268 7.05 4.98 -7.90
N ASP A 269 6.44 3.84 -7.58
CA ASP A 269 6.25 2.78 -8.57
C ASP A 269 5.10 2.96 -9.58
N PRO A 270 3.99 3.61 -9.17
CA PRO A 270 2.94 3.75 -10.20
C PRO A 270 3.38 4.40 -11.52
N TYR A 271 2.81 3.90 -12.61
CA TYR A 271 3.22 4.32 -13.95
C TYR A 271 3.12 5.83 -14.16
N MET A 272 4.27 6.44 -14.44
CA MET A 272 4.37 7.88 -14.65
C MET A 272 3.77 8.78 -13.54
N ILE A 273 4.05 8.48 -12.27
CA ILE A 273 3.65 9.44 -11.23
C ILE A 273 4.40 10.76 -11.40
N CYS A 274 5.59 10.68 -12.01
CA CYS A 274 6.34 11.88 -12.40
C CYS A 274 6.32 12.08 -13.91
N GLY A 275 6.27 13.33 -14.36
CA GLY A 275 6.22 13.62 -15.78
C GLY A 275 7.54 13.38 -16.52
N PRO A 276 7.56 13.66 -17.83
CA PRO A 276 8.73 13.49 -18.70
C PRO A 276 9.95 14.30 -18.23
N GLY A 277 11.14 13.70 -18.33
CA GLY A 277 12.36 14.38 -17.99
C GLY A 277 12.52 14.56 -16.50
N SER A 278 11.75 13.82 -15.72
CA SER A 278 11.88 13.80 -14.28
C SER A 278 11.91 12.37 -13.75
N TYR A 279 12.21 12.19 -12.47
CA TYR A 279 12.21 10.86 -11.87
C TYR A 279 11.75 10.90 -10.42
N CYS A 280 11.23 9.77 -9.96
CA CYS A 280 10.72 9.67 -8.63
C CYS A 280 11.81 9.16 -7.66
N ASP A 281 11.88 9.77 -6.48
CA ASP A 281 12.83 9.40 -5.44
C ASP A 281 12.09 9.37 -4.10
N VAL A 282 11.98 8.19 -3.49
CA VAL A 282 11.17 8.07 -2.28
C VAL A 282 11.70 8.83 -1.08
N ASN A 283 12.95 9.25 -1.16
CA ASN A 283 13.59 9.91 -0.03
C ASN A 283 13.73 11.41 -0.19
N THR A 284 13.00 11.99 -1.13
CA THR A 284 13.04 13.41 -1.34
C THR A 284 11.64 13.98 -1.31
N LEU A 285 11.57 15.29 -1.12
CA LEU A 285 10.31 15.99 -1.16
C LEU A 285 10.56 17.28 -1.92
N PRO A 286 9.91 17.46 -3.08
CA PRO A 286 8.91 16.60 -3.75
C PRO A 286 9.45 15.22 -4.12
N LEU A 287 8.56 14.28 -4.39
CA LEU A 287 8.98 12.94 -4.84
C LEU A 287 9.63 13.05 -6.22
N CYS A 288 9.15 13.96 -7.03
CA CYS A 288 9.61 14.07 -8.41
C CYS A 288 10.74 15.08 -8.54
N ASN A 289 11.86 14.61 -9.08
CA ASN A 289 13.05 15.44 -9.26
C ASN A 289 13.40 15.61 -10.73
N CYS A 290 13.56 16.86 -11.15
CA CYS A 290 14.07 17.16 -12.47
C CYS A 290 15.40 16.48 -12.65
N ILE A 291 15.65 15.96 -13.85
CA ILE A 291 16.96 15.44 -14.19
C ILE A 291 17.97 16.58 -14.15
N GLN A 292 19.17 16.29 -13.68
CA GLN A 292 20.27 17.24 -13.74
C GLN A 292 20.36 17.95 -15.10
N GLY A 293 20.21 19.27 -15.10
CA GLY A 293 20.28 20.05 -16.33
C GLY A 293 18.90 20.39 -16.86
N PHE A 294 17.88 19.89 -16.17
CA PHE A 294 16.51 20.13 -16.59
C PHE A 294 15.85 21.07 -15.59
N LYS A 295 14.76 21.71 -16.00
CA LYS A 295 13.97 22.57 -15.13
C LYS A 295 12.50 22.22 -15.34
N PRO A 296 11.64 22.53 -14.35
CA PRO A 296 10.20 22.23 -14.50
C PRO A 296 9.58 23.02 -15.63
N LEU A 297 8.76 22.38 -16.44
CA LEU A 297 8.04 23.05 -17.52
C LEU A 297 7.06 24.11 -17.00
N ASN A 298 6.52 23.87 -15.81
CA ASN A 298 5.56 24.78 -15.21
C ASN A 298 5.85 24.93 -13.72
N VAL A 299 6.48 26.05 -13.36
CA VAL A 299 6.98 26.27 -11.99
C VAL A 299 5.88 26.31 -10.94
N GLN A 300 4.78 26.97 -11.29
CA GLN A 300 3.63 27.14 -10.42
C GLN A 300 2.97 25.81 -10.09
N GLU A 301 2.82 24.96 -11.11
CA GLU A 301 2.35 23.60 -10.89
C GLU A 301 3.37 22.78 -10.13
N TRP A 302 4.64 22.94 -10.48
CA TRP A 302 5.68 22.18 -9.82
C TRP A 302 5.79 22.47 -8.32
N ASP A 303 5.62 23.73 -7.93
CA ASP A 303 5.70 24.07 -6.51
C ASP A 303 4.54 23.52 -5.71
N MET A 304 3.38 23.32 -6.37
CA MET A 304 2.23 22.71 -5.70
C MET A 304 2.25 21.19 -5.85
N ARG A 305 3.40 20.64 -6.25
CA ARG A 305 3.57 19.20 -6.42
C ARG A 305 2.63 18.60 -7.47
N ASP A 306 2.34 19.41 -8.48
CA ASP A 306 1.72 18.93 -9.71
C ASP A 306 2.87 18.67 -10.68
N HIS A 307 3.27 17.42 -10.82
CA HIS A 307 4.45 17.10 -11.63
C HIS A 307 4.13 16.58 -13.03
N THR A 308 2.85 16.71 -13.41
CA THR A 308 2.30 16.14 -14.64
C THR A 308 3.11 16.50 -15.90
N ARG A 309 3.37 17.79 -16.07
CA ARG A 309 4.06 18.28 -17.27
C ARG A 309 5.55 17.88 -17.33
N GLY A 310 6.14 17.60 -16.18
CA GLY A 310 7.53 17.19 -16.13
C GLY A 310 8.53 18.32 -16.36
N CYS A 311 9.71 17.95 -16.81
CA CYS A 311 10.80 18.91 -16.94
C CYS A 311 11.35 18.94 -18.36
N ILE A 312 12.05 20.02 -18.70
CA ILE A 312 12.75 20.16 -19.98
C ILE A 312 14.16 20.66 -19.76
N ARG A 313 15.01 20.48 -20.77
CA ARG A 313 16.38 20.98 -20.73
C ARG A 313 16.44 22.49 -20.48
N ARG A 314 17.40 22.88 -19.64
CA ARG A 314 17.64 24.29 -19.40
C ARG A 314 18.28 24.92 -20.64
N THR A 315 19.13 24.15 -21.31
CA THR A 315 19.87 24.65 -22.49
C THR A 315 19.69 23.76 -23.71
N ARG A 316 19.35 24.39 -24.84
CA ARG A 316 19.18 23.71 -26.12
C ARG A 316 20.39 22.85 -26.47
N LEU A 317 20.16 21.67 -27.01
CA LEU A 317 21.25 20.78 -27.44
C LEU A 317 21.87 21.30 -28.72
N SER A 318 23.18 21.08 -28.89
CA SER A 318 23.86 21.45 -30.13
C SER A 318 24.48 20.22 -30.81
N CYS A 319 23.96 19.04 -30.48
CA CYS A 319 24.44 17.76 -31.02
C CYS A 319 25.94 17.51 -30.85
N ARG A 320 26.71 18.01 -31.82
CA ARG A 320 28.16 17.99 -31.75
C ARG A 320 28.58 18.80 -30.54
N GLY A 321 29.36 18.21 -29.64
CA GLY A 321 29.81 18.93 -28.47
C GLY A 321 28.95 18.75 -27.22
N ASP A 322 27.78 18.11 -27.37
CA ASP A 322 26.92 17.80 -26.22
C ASP A 322 27.61 16.86 -25.24
N GLY A 323 27.15 16.85 -24.00
CA GLY A 323 27.67 15.92 -23.01
C GLY A 323 26.57 15.07 -22.43
N PHE A 324 26.88 14.36 -21.35
CA PHE A 324 25.87 13.55 -20.67
C PHE A 324 25.96 13.73 -19.17
N THR A 325 24.81 13.70 -18.49
CA THR A 325 24.83 13.57 -17.04
C THR A 325 24.57 12.11 -16.68
N ARG A 326 25.38 11.58 -15.77
CA ARG A 326 25.25 10.18 -15.37
C ARG A 326 24.33 10.01 -14.15
N MET A 327 23.14 9.47 -14.36
CA MET A 327 22.18 9.25 -13.29
C MET A 327 22.42 7.91 -12.61
N LYS A 328 22.33 7.88 -11.29
CA LYS A 328 22.66 6.66 -10.57
C LYS A 328 21.44 5.89 -10.10
N ASN A 329 21.60 4.59 -10.02
CA ASN A 329 20.62 3.72 -9.35
C ASN A 329 19.24 3.87 -9.98
N MET A 330 19.18 3.81 -11.31
CA MET A 330 17.94 4.13 -11.99
C MET A 330 17.14 2.90 -12.45
N LYS A 331 15.82 3.06 -12.45
CA LYS A 331 14.93 2.22 -13.22
C LYS A 331 14.99 2.81 -14.62
N LEU A 332 15.41 2.03 -15.59
CA LEU A 332 15.50 2.52 -16.97
C LEU A 332 14.15 3.02 -17.44
N PRO A 333 14.13 4.12 -18.20
CA PRO A 333 12.88 4.63 -18.76
C PRO A 333 12.28 3.65 -19.75
N GLU A 334 11.02 3.86 -20.07
CA GLU A 334 10.28 2.95 -20.93
C GLU A 334 10.98 2.94 -22.27
N THR A 335 11.10 1.76 -22.90
CA THR A 335 11.91 1.59 -24.10
C THR A 335 11.11 1.51 -25.41
N THR A 336 9.96 2.18 -25.44
CA THR A 336 9.09 2.18 -26.60
C THR A 336 9.86 2.69 -27.85
N MET A 337 10.57 3.80 -27.66
CA MET A 337 11.33 4.46 -28.70
C MET A 337 12.83 4.27 -28.48
N ALA A 338 13.23 3.04 -28.17
CA ALA A 338 14.62 2.74 -27.89
C ALA A 338 15.16 1.66 -28.83
N THR A 339 16.48 1.69 -29.06
CA THR A 339 17.11 0.63 -29.83
C THR A 339 18.17 0.00 -28.96
N VAL A 340 18.57 -1.21 -29.33
CA VAL A 340 19.58 -1.95 -28.58
C VAL A 340 20.65 -2.53 -29.51
N ASP A 341 21.91 -2.46 -29.11
CA ASP A 341 22.99 -3.10 -29.83
C ASP A 341 23.82 -3.86 -28.82
N ARG A 342 23.64 -5.18 -28.74
CA ARG A 342 24.34 -5.93 -27.71
C ARG A 342 25.83 -6.19 -28.01
N SER A 343 26.28 -5.87 -29.22
CA SER A 343 27.65 -6.21 -29.61
C SER A 343 28.67 -5.16 -29.17
N ILE A 344 28.23 -3.92 -29.00
CA ILE A 344 29.13 -2.86 -28.62
C ILE A 344 29.01 -2.51 -27.12
N GLY A 345 29.92 -1.69 -26.63
CA GLY A 345 29.99 -1.42 -25.20
C GLY A 345 29.70 0.03 -24.83
N VAL A 346 29.94 0.36 -23.57
CA VAL A 346 29.61 1.68 -23.04
C VAL A 346 30.30 2.82 -23.79
N LYS A 347 31.60 2.67 -24.04
CA LYS A 347 32.36 3.71 -24.75
C LYS A 347 31.86 3.87 -26.16
N GLU A 348 31.77 2.74 -26.87
CA GLU A 348 31.27 2.74 -28.24
C GLU A 348 29.83 3.24 -28.31
N CYS A 349 29.07 2.98 -27.24
CA CYS A 349 27.68 3.41 -27.16
C CYS A 349 27.52 4.91 -27.07
N GLU A 350 28.35 5.54 -26.23
CA GLU A 350 28.32 6.99 -26.06
C GLU A 350 28.59 7.72 -27.37
N LYS A 351 29.65 7.31 -28.06
CA LYS A 351 30.02 7.88 -29.36
C LYS A 351 28.85 7.82 -30.34
N LYS A 352 28.33 6.61 -30.53
CA LYS A 352 27.16 6.38 -31.39
C LYS A 352 25.99 7.29 -31.01
N CYS A 353 25.75 7.44 -29.71
CA CYS A 353 24.72 8.36 -29.20
C CYS A 353 25.06 9.79 -29.55
N LEU A 354 26.27 10.23 -29.24
CA LEU A 354 26.74 11.57 -29.60
C LEU A 354 26.56 11.88 -31.08
N SER A 355 26.88 10.91 -31.93
CA SER A 355 26.81 11.09 -33.37
C SER A 355 25.36 11.15 -33.88
N ASP A 356 24.43 10.60 -33.12
CA ASP A 356 23.01 10.63 -33.49
C ASP A 356 22.35 11.82 -32.79
N CYS A 357 21.92 12.81 -33.56
CA CYS A 357 21.35 14.03 -33.01
C CYS A 357 19.95 13.87 -32.40
N ASN A 358 19.30 12.73 -32.63
CA ASN A 358 17.98 12.47 -32.04
C ASN A 358 18.07 11.72 -30.70
N CYS A 359 19.25 11.19 -30.41
CA CYS A 359 19.51 10.42 -29.19
C CYS A 359 19.57 11.32 -27.97
N THR A 360 18.80 10.96 -26.93
CA THR A 360 18.68 11.77 -25.73
C THR A 360 19.25 11.09 -24.49
N ALA A 361 19.52 9.79 -24.60
CA ALA A 361 20.07 9.03 -23.47
C ALA A 361 20.50 7.63 -23.87
N PHE A 362 21.40 7.04 -23.09
CA PHE A 362 21.88 5.69 -23.38
C PHE A 362 22.26 4.90 -22.13
N ALA A 363 22.36 3.58 -22.25
CA ALA A 363 22.73 2.72 -21.12
C ALA A 363 23.16 1.35 -21.62
N ASN A 364 23.85 0.59 -20.77
CA ASN A 364 24.17 -0.80 -21.06
C ASN A 364 22.90 -1.65 -21.13
N ALA A 365 22.94 -2.72 -21.91
CA ALA A 365 21.77 -3.59 -22.07
C ALA A 365 21.80 -4.72 -21.05
N ASP A 366 22.99 -5.00 -20.53
CA ASP A 366 23.16 -6.02 -19.51
C ASP A 366 24.11 -5.46 -18.44
N ILE A 367 23.82 -5.71 -17.17
CA ILE A 367 24.61 -5.16 -16.07
C ILE A 367 25.62 -6.15 -15.53
N ARG A 368 25.57 -7.41 -15.98
CA ARG A 368 26.55 -8.38 -15.53
C ARG A 368 27.95 -7.98 -16.00
N ASP A 369 28.97 -8.41 -15.27
CA ASP A 369 30.37 -8.28 -15.74
C ASP A 369 30.85 -6.84 -15.97
N GLY A 370 30.34 -5.89 -15.20
CA GLY A 370 30.73 -4.51 -15.37
C GLY A 370 29.92 -3.80 -16.45
N GLY A 371 28.97 -4.52 -17.03
CA GLY A 371 28.09 -3.93 -18.03
C GLY A 371 28.54 -4.17 -19.46
N THR A 372 27.60 -4.59 -20.32
CA THR A 372 27.84 -4.75 -21.75
C THR A 372 26.61 -4.30 -22.52
N GLY A 373 26.72 -4.17 -23.84
CA GLY A 373 25.55 -3.86 -24.65
C GLY A 373 25.22 -2.38 -24.70
N CYS A 374 24.42 -2.00 -25.69
CA CYS A 374 24.08 -0.59 -25.91
C CYS A 374 22.59 -0.39 -26.10
N VAL A 375 22.01 0.50 -25.29
CA VAL A 375 20.59 0.89 -25.42
C VAL A 375 20.44 2.39 -25.65
N ILE A 376 19.78 2.78 -26.73
CA ILE A 376 19.68 4.19 -27.10
C ILE A 376 18.24 4.64 -27.13
N TRP A 377 17.97 5.79 -26.52
CA TRP A 377 16.63 6.34 -26.46
C TRP A 377 16.54 7.57 -27.33
N THR A 378 15.35 7.84 -27.86
CA THR A 378 15.11 9.12 -28.50
C THR A 378 13.87 9.71 -27.85
N GLY A 379 13.78 11.04 -27.85
CA GLY A 379 12.61 11.71 -27.34
C GLY A 379 12.54 11.72 -25.83
N ARG A 380 11.37 12.03 -25.30
CA ARG A 380 11.19 12.18 -23.85
C ARG A 380 11.43 10.89 -23.08
N LEU A 381 12.07 11.00 -21.92
CA LEU A 381 12.28 9.84 -21.07
C LEU A 381 11.17 9.75 -20.03
N ASP A 382 10.42 8.65 -20.05
CA ASP A 382 9.22 8.49 -19.23
C ASP A 382 9.30 7.39 -18.16
N ASP A 383 8.59 7.63 -17.06
CA ASP A 383 8.34 6.62 -16.03
C ASP A 383 9.59 6.20 -15.27
N MET A 384 10.39 7.19 -14.90
CA MET A 384 11.64 6.93 -14.20
C MET A 384 11.53 7.07 -12.69
N ARG A 385 12.34 6.29 -12.02
CA ARG A 385 12.51 6.41 -10.60
C ARG A 385 13.89 5.91 -10.25
N ASN A 386 14.40 6.28 -9.08
CA ASN A 386 15.66 5.71 -8.60
C ASN A 386 15.48 4.75 -7.44
N TYR A 387 16.61 4.25 -6.93
CA TYR A 387 16.63 3.32 -5.81
C TYR A 387 17.78 3.73 -4.90
N ALA A 388 17.72 3.32 -3.64
CA ALA A 388 18.79 3.63 -2.71
C ALA A 388 20.03 2.78 -2.98
N VAL A 389 19.84 1.49 -3.27
CA VAL A 389 20.96 0.53 -3.35
C VAL A 389 20.93 -0.40 -4.61
N SER A 390 20.05 -0.13 -5.55
CA SER A 390 19.98 -1.00 -6.72
C SER A 390 19.89 -0.19 -8.01
N GLY A 391 19.37 -0.78 -9.08
CA GLY A 391 19.17 -0.01 -10.28
C GLY A 391 20.44 0.04 -11.09
N GLN A 392 20.60 1.09 -11.88
CA GLN A 392 21.57 1.06 -12.97
C GLN A 392 21.93 2.46 -13.44
N ASP A 393 23.13 2.61 -14.01
CA ASP A 393 23.58 3.91 -14.53
C ASP A 393 22.79 4.29 -15.76
N LEU A 394 22.43 5.57 -15.88
CA LEU A 394 21.78 6.08 -17.08
C LEU A 394 22.40 7.41 -17.49
N TYR A 395 22.79 7.52 -18.74
CA TYR A 395 23.40 8.75 -19.23
C TYR A 395 22.40 9.57 -20.05
N VAL A 396 22.07 10.76 -19.56
CA VAL A 396 21.11 11.63 -20.23
C VAL A 396 21.80 12.84 -20.86
N ARG A 397 21.54 13.06 -22.14
CA ARG A 397 22.22 14.07 -22.95
C ARG A 397 21.90 15.50 -22.55
N LEU A 398 22.96 16.31 -22.43
CA LEU A 398 22.85 17.72 -22.09
C LEU A 398 23.79 18.56 -22.96
N ALA A 399 23.45 19.83 -23.09
CA ALA A 399 24.37 20.76 -23.73
C ALA A 399 25.62 20.82 -22.87
N ALA A 400 26.77 21.05 -23.50
CA ALA A 400 28.05 21.08 -22.79
C ALA A 400 28.07 22.02 -21.57
N ALA A 401 27.49 23.20 -21.73
CA ALA A 401 27.48 24.21 -20.67
C ALA A 401 26.86 23.74 -19.35
N ASP A 402 25.95 22.76 -19.42
CA ASP A 402 25.28 22.27 -18.22
C ASP A 402 25.95 21.01 -17.67
N VAL A 403 26.94 20.49 -18.40
CA VAL A 403 27.64 19.27 -18.03
C VAL A 403 28.56 19.42 -16.82
N ALA B 1 -29.79 40.23 0.04
CA ALA B 1 -31.11 39.99 0.61
C ALA B 1 -31.04 38.78 1.49
N ALA B 2 -31.99 37.87 1.35
CA ALA B 2 -32.04 36.77 2.29
C ALA B 2 -32.14 35.38 1.68
N ALA B 3 -31.96 35.27 0.37
CA ALA B 3 -31.87 33.95 -0.23
C ALA B 3 -30.64 33.18 0.33
N ALA B 4 -29.50 33.87 0.38
CA ALA B 4 -28.21 33.25 0.72
C ALA B 4 -28.10 32.75 2.17
N ALA B 5 -27.19 31.81 2.39
CA ALA B 5 -27.10 31.16 3.70
C ALA B 5 -26.44 32.04 4.78
N LEU B 6 -26.95 31.91 6.01
CA LEU B 6 -26.44 32.59 7.22
C LEU B 6 -25.34 31.75 7.88
N SER B 7 -24.65 32.30 8.87
CA SER B 7 -23.69 31.48 9.63
C SER B 7 -24.20 31.29 11.06
N THR B 8 -25.45 31.69 11.28
CA THR B 8 -26.04 31.72 12.62
C THR B 8 -27.30 30.88 12.76
N LEU B 9 -27.49 30.26 13.93
CA LEU B 9 -28.77 29.63 14.25
C LEU B 9 -29.20 30.06 15.67
N SER B 10 -30.17 30.95 15.73
CA SER B 10 -30.66 31.46 17.01
C SER B 10 -31.65 30.50 17.67
N SER B 11 -32.05 30.82 18.90
CA SER B 11 -32.89 29.96 19.70
C SER B 11 -34.31 29.77 19.17
N THR B 12 -34.77 30.71 18.35
CA THR B 12 -36.11 30.65 17.78
C THR B 12 -36.17 30.01 16.39
N GLU B 13 -35.01 29.78 15.79
CA GLU B 13 -34.92 29.27 14.41
C GLU B 13 -34.63 27.78 14.40
N SER B 14 -34.66 27.19 13.22
CA SER B 14 -34.33 25.80 13.05
C SER B 14 -33.84 25.50 11.63
N LEU B 15 -33.10 24.41 11.49
CA LEU B 15 -32.66 23.96 10.17
C LEU B 15 -33.30 22.61 9.92
N THR B 16 -33.98 22.45 8.79
CA THR B 16 -34.59 21.17 8.48
C THR B 16 -34.14 20.62 7.13
N ILE B 17 -34.25 19.30 6.97
CA ILE B 17 -33.92 18.64 5.72
C ILE B 17 -34.82 19.14 4.58
N SER B 18 -36.12 19.20 4.82
CA SER B 18 -37.07 19.56 3.77
C SER B 18 -36.88 20.99 3.26
N SER B 19 -36.28 21.86 4.08
CA SER B 19 -36.05 23.25 3.67
C SER B 19 -34.81 23.45 2.80
N ASN B 20 -33.92 22.46 2.77
CA ASN B 20 -32.67 22.55 2.00
C ASN B 20 -31.73 23.70 2.42
N ARG B 21 -32.00 24.27 3.58
CA ARG B 21 -31.20 25.35 4.15
C ARG B 21 -29.86 24.84 4.66
N THR B 22 -28.84 25.68 4.56
CA THR B 22 -27.54 25.36 5.13
C THR B 22 -26.97 26.56 5.87
N LEU B 23 -25.93 26.30 6.65
CA LEU B 23 -25.16 27.34 7.27
C LEU B 23 -23.84 27.46 6.52
N VAL B 24 -23.36 28.68 6.32
CA VAL B 24 -22.12 28.90 5.60
C VAL B 24 -21.20 29.78 6.44
N SER B 25 -19.97 29.36 6.60
CA SER B 25 -19.04 30.10 7.42
C SER B 25 -18.74 31.45 6.78
N PRO B 26 -18.50 32.48 7.61
CA PRO B 26 -17.98 33.74 7.09
C PRO B 26 -16.68 33.42 6.36
N GLY B 27 -16.46 33.97 5.18
CA GLY B 27 -15.31 33.60 4.36
C GLY B 27 -15.61 32.44 3.41
N ASN B 28 -16.82 31.89 3.53
CA ASN B 28 -17.37 30.98 2.52
C ASN B 28 -16.66 29.67 2.26
N ILE B 29 -15.83 29.22 3.20
CA ILE B 29 -15.09 27.99 3.00
C ILE B 29 -15.94 26.76 3.30
N PHE B 30 -16.62 26.80 4.43
CA PHE B 30 -17.37 25.65 4.91
C PHE B 30 -18.85 25.85 4.81
N GLU B 31 -19.56 24.73 4.64
CA GLU B 31 -21.01 24.71 4.62
C GLU B 31 -21.50 23.56 5.51
N LEU B 32 -22.55 23.84 6.28
CA LEU B 32 -23.12 22.86 7.20
C LEU B 32 -24.60 22.65 6.90
N GLY B 33 -25.02 21.39 6.82
CA GLY B 33 -26.41 21.08 6.51
C GLY B 33 -26.60 19.57 6.41
N PHE B 34 -27.75 19.16 5.87
CA PHE B 34 -28.08 17.75 5.76
C PHE B 34 -27.66 17.12 4.43
N PHE B 35 -27.26 15.86 4.50
CA PHE B 35 -26.89 15.12 3.31
C PHE B 35 -27.29 13.67 3.43
N ARG B 36 -27.40 13.00 2.29
CA ARG B 36 -27.85 11.62 2.25
C ARG B 36 -26.77 10.71 1.74
N THR B 37 -26.55 9.59 2.45
CA THR B 37 -25.58 8.59 2.00
C THR B 37 -25.94 7.27 2.66
N ASN B 38 -25.69 6.16 1.97
CA ASN B 38 -26.04 4.83 2.47
C ASN B 38 -27.50 4.67 2.97
N SER B 39 -28.44 5.33 2.29
CA SER B 39 -29.87 5.27 2.62
C SER B 39 -30.24 5.94 3.94
N ARG B 40 -29.29 6.63 4.56
CA ARG B 40 -29.53 7.31 5.83
C ARG B 40 -29.28 8.81 5.71
N TRP B 41 -29.86 9.60 6.59
CA TRP B 41 -29.64 11.06 6.58
C TRP B 41 -28.73 11.53 7.73
N TYR B 42 -27.91 12.53 7.46
CA TYR B 42 -26.92 13.01 8.42
C TYR B 42 -26.75 14.52 8.43
N LEU B 43 -26.38 15.06 9.58
CA LEU B 43 -25.98 16.47 9.67
C LEU B 43 -24.45 16.55 9.54
N GLY B 44 -23.98 17.46 8.71
CA GLY B 44 -22.57 17.44 8.40
C GLY B 44 -22.02 18.73 7.82
N MET B 45 -20.71 18.74 7.63
CA MET B 45 -20.01 19.90 7.15
C MET B 45 -19.06 19.55 5.99
N TRP B 46 -19.03 20.40 4.98
CA TRP B 46 -18.20 20.16 3.81
C TRP B 46 -17.64 21.48 3.31
N TYR B 47 -16.73 21.42 2.34
CA TYR B 47 -16.18 22.62 1.74
C TYR B 47 -17.18 23.22 0.76
N LYS B 48 -17.62 24.44 1.05
CA LYS B 48 -18.63 25.09 0.22
C LYS B 48 -18.30 25.20 -1.27
N LYS B 49 -17.04 25.53 -1.59
CA LYS B 49 -16.65 25.89 -2.96
C LYS B 49 -16.21 24.72 -3.85
N LEU B 50 -16.13 23.51 -3.30
CA LEU B 50 -15.74 22.35 -4.09
C LEU B 50 -16.96 21.59 -4.60
N SER B 51 -17.03 21.41 -5.91
CA SER B 51 -18.16 20.70 -6.52
C SER B 51 -18.21 19.24 -6.06
N GLY B 52 -17.05 18.64 -5.88
CA GLY B 52 -16.97 17.31 -5.29
C GLY B 52 -17.06 17.44 -3.78
N ARG B 53 -17.99 16.71 -3.16
CA ARG B 53 -18.20 16.89 -1.74
C ARG B 53 -17.21 16.14 -0.85
N THR B 54 -16.65 16.88 0.08
CA THR B 54 -15.68 16.33 1.02
C THR B 54 -16.24 16.64 2.41
N TYR B 55 -16.75 15.63 3.10
CA TYR B 55 -17.32 15.84 4.44
C TYR B 55 -16.25 15.78 5.51
N VAL B 56 -15.96 16.93 6.11
CA VAL B 56 -14.91 17.03 7.12
C VAL B 56 -15.41 16.82 8.53
N TRP B 57 -16.73 16.72 8.68
CA TRP B 57 -17.36 16.54 9.98
C TRP B 57 -18.81 16.07 9.86
N VAL B 58 -19.17 15.10 10.70
CA VAL B 58 -20.55 14.60 10.76
C VAL B 58 -21.01 14.62 12.22
N ALA B 59 -22.16 15.23 12.50
CA ALA B 59 -22.63 15.33 13.89
C ALA B 59 -23.09 13.99 14.46
N ASN B 60 -23.93 13.27 13.71
CA ASN B 60 -24.60 12.09 14.21
C ASN B 60 -24.26 10.80 13.49
N ARG B 61 -22.96 10.51 13.33
CA ARG B 61 -22.48 9.44 12.44
C ARG B 61 -22.97 8.06 12.87
N ASP B 62 -23.18 7.87 14.15
CA ASP B 62 -23.62 6.57 14.62
C ASP B 62 -25.08 6.65 15.02
N ASN B 63 -25.68 7.80 14.75
CA ASN B 63 -27.10 8.01 15.08
C ASN B 63 -27.83 8.60 13.87
N PRO B 64 -28.04 7.78 12.85
CA PRO B 64 -28.61 8.34 11.64
C PRO B 64 -30.07 8.70 11.81
N LEU B 65 -30.48 9.76 11.15
CA LEU B 65 -31.87 10.08 10.93
C LEU B 65 -32.38 9.03 9.94
N SER B 66 -33.50 8.39 10.29
CA SER B 66 -34.04 7.28 9.49
C SER B 66 -34.43 7.68 8.08
N ASN B 67 -34.87 8.92 7.92
CA ASN B 67 -35.41 9.35 6.64
C ASN B 67 -35.33 10.85 6.48
N SER B 68 -35.91 11.32 5.37
CA SER B 68 -35.80 12.71 4.92
C SER B 68 -36.41 13.76 5.83
N ILE B 69 -36.79 13.36 7.03
CA ILE B 69 -37.34 14.31 7.99
C ILE B 69 -36.37 14.50 9.13
N GLY B 70 -35.89 15.72 9.29
CA GLY B 70 -34.95 16.01 10.35
C GLY B 70 -34.98 17.47 10.66
N THR B 71 -34.76 17.79 11.94
CA THR B 71 -34.85 19.15 12.42
C THR B 71 -33.75 19.44 13.46
N LEU B 72 -32.90 20.41 13.15
CA LEU B 72 -31.86 20.88 14.07
C LEU B 72 -32.29 22.17 14.73
N LYS B 73 -32.30 22.20 16.06
CA LYS B 73 -32.67 23.44 16.76
C LYS B 73 -32.15 23.45 18.18
N ILE B 74 -32.17 24.65 18.77
CA ILE B 74 -31.84 24.80 20.19
C ILE B 74 -33.05 24.37 21.01
N SER B 75 -32.83 23.50 21.98
CA SER B 75 -33.90 23.10 22.90
C SER B 75 -33.41 23.12 24.33
N ASN B 76 -34.07 23.91 25.16
CA ASN B 76 -33.69 24.08 26.56
C ASN B 76 -32.20 24.34 26.70
N MET B 77 -31.72 25.26 25.87
CA MET B 77 -30.33 25.67 25.85
C MET B 77 -29.41 24.51 25.45
N ASN B 78 -29.82 23.75 24.45
CA ASN B 78 -29.05 22.60 23.98
C ASN B 78 -29.30 22.38 22.49
N LEU B 79 -28.26 21.99 21.76
CA LEU B 79 -28.41 21.73 20.33
C LEU B 79 -28.98 20.34 20.15
N VAL B 80 -30.06 20.20 19.39
CA VAL B 80 -30.68 18.90 19.28
C VAL B 80 -31.15 18.55 17.85
N LEU B 81 -31.08 17.27 17.54
CA LEU B 81 -31.43 16.76 16.21
C LEU B 81 -32.60 15.78 16.35
N LEU B 82 -33.76 16.17 15.81
CA LEU B 82 -35.01 15.42 15.98
C LEU B 82 -35.42 14.70 14.69
N ASP B 83 -35.74 13.41 14.78
CA ASP B 83 -36.22 12.66 13.62
C ASP B 83 -37.72 12.87 13.33
N HIS B 84 -38.27 12.03 12.46
CA HIS B 84 -39.65 12.19 12.02
C HIS B 84 -40.64 12.11 13.18
N SER B 85 -40.28 11.34 14.20
CA SER B 85 -41.15 11.16 15.36
C SER B 85 -40.72 12.01 16.55
N ASN B 86 -40.31 13.25 16.29
CA ASN B 86 -39.89 14.20 17.35
C ASN B 86 -39.01 13.63 18.44
N LYS B 87 -38.31 12.55 18.12
CA LYS B 87 -37.38 11.93 19.04
C LYS B 87 -36.00 12.47 18.73
N SER B 88 -35.27 12.83 19.79
CA SER B 88 -33.91 13.31 19.65
C SER B 88 -33.00 12.17 19.23
N VAL B 89 -32.22 12.41 18.19
CA VAL B 89 -31.36 11.40 17.65
C VAL B 89 -29.92 11.76 17.99
N TRP B 90 -29.71 13.04 18.30
CA TRP B 90 -28.40 13.52 18.69
C TRP B 90 -28.53 14.84 19.42
N SER B 91 -27.59 15.10 20.32
CA SER B 91 -27.53 16.40 20.98
C SER B 91 -26.18 16.64 21.64
N THR B 92 -25.85 17.91 21.77
CA THR B 92 -24.76 18.36 22.59
C THR B 92 -25.16 18.10 24.04
N ASN B 93 -24.30 17.45 24.80
CA ASN B 93 -24.56 17.23 26.22
C ASN B 93 -23.85 18.29 27.04
N LEU B 94 -24.62 19.21 27.63
CA LEU B 94 -24.08 20.46 28.16
C LEU B 94 -23.03 20.36 29.27
N THR B 95 -22.08 21.31 29.26
CA THR B 95 -21.03 21.36 30.27
C THR B 95 -21.41 22.34 31.40
N ARG B 96 -22.60 22.91 31.30
CA ARG B 96 -23.15 23.80 32.32
C ARG B 96 -24.66 23.65 32.44
N GLU B 97 -25.19 24.03 33.59
CA GLU B 97 -26.63 23.91 33.83
C GLU B 97 -27.23 25.29 34.07
N ASN B 98 -26.35 26.28 34.22
CA ASN B 98 -26.78 27.64 34.50
C ASN B 98 -26.48 28.51 33.28
N VAL B 99 -26.63 27.90 32.11
CA VAL B 99 -26.42 28.60 30.85
C VAL B 99 -27.47 29.69 30.73
N ARG B 100 -27.07 30.88 30.26
CA ARG B 100 -28.00 32.00 30.21
C ARG B 100 -28.41 32.31 28.78
N SER B 101 -29.52 33.03 28.64
CA SER B 101 -30.00 33.47 27.33
C SER B 101 -29.30 34.77 26.92
N PRO B 102 -29.16 35.00 25.61
CA PRO B 102 -29.53 34.12 24.51
C PRO B 102 -28.46 33.07 24.18
N VAL B 103 -28.91 31.86 23.92
CA VAL B 103 -28.04 30.80 23.41
C VAL B 103 -28.04 30.85 21.89
N VAL B 104 -26.85 30.83 21.28
CA VAL B 104 -26.70 30.91 19.82
C VAL B 104 -25.80 29.80 19.28
N ALA B 105 -26.19 29.19 18.16
CA ALA B 105 -25.32 28.24 17.46
C ALA B 105 -24.66 28.96 16.29
N GLU B 106 -23.37 28.73 16.09
CA GLU B 106 -22.65 29.50 15.09
C GLU B 106 -21.49 28.76 14.41
N LEU B 107 -21.48 28.80 13.09
CA LEU B 107 -20.38 28.27 12.29
C LEU B 107 -19.32 29.35 12.11
N LEU B 108 -18.12 29.09 12.62
CA LEU B 108 -17.00 30.05 12.53
C LEU B 108 -16.22 29.93 11.22
N ALA B 109 -15.39 30.93 10.92
CA ALA B 109 -14.62 30.96 9.68
C ALA B 109 -13.71 29.73 9.51
N ASN B 110 -13.25 29.15 10.62
CA ASN B 110 -12.34 28.01 10.58
C ASN B 110 -13.06 26.66 10.56
N GLY B 111 -14.37 26.70 10.45
CA GLY B 111 -15.18 25.49 10.41
C GLY B 111 -15.59 24.95 11.76
N ASN B 112 -15.24 25.66 12.83
CA ASN B 112 -15.73 25.25 14.14
C ASN B 112 -17.23 25.52 14.21
N PHE B 113 -18.02 24.48 14.46
CA PHE B 113 -19.45 24.68 14.70
C PHE B 113 -19.66 24.73 16.19
N VAL B 114 -20.14 25.86 16.68
CA VAL B 114 -20.07 26.20 18.09
C VAL B 114 -21.44 26.59 18.67
N VAL B 115 -21.73 26.10 19.87
CA VAL B 115 -22.84 26.61 20.65
C VAL B 115 -22.27 27.58 21.69
N ARG B 116 -22.78 28.81 21.75
CA ARG B 116 -22.22 29.78 22.70
C ARG B 116 -23.25 30.52 23.54
N ASP B 117 -22.74 31.19 24.57
CA ASP B 117 -23.52 31.98 25.51
C ASP B 117 -23.07 33.41 25.35
N PRO B 118 -23.72 34.34 26.08
CA PRO B 118 -23.06 35.64 26.30
C PRO B 118 -21.79 35.44 27.13
N SER B 119 -21.70 34.30 27.79
CA SER B 119 -20.56 33.96 28.63
C SER B 119 -19.42 33.21 27.93
N GLY B 120 -19.64 32.79 26.69
CA GLY B 120 -18.61 32.10 25.91
C GLY B 120 -19.03 30.77 25.29
N PHE B 121 -18.07 30.02 24.75
CA PHE B 121 -18.37 28.73 24.13
C PHE B 121 -18.88 27.73 25.16
N LEU B 122 -20.00 27.08 24.86
CA LEU B 122 -20.51 26.01 25.71
C LEU B 122 -20.17 24.63 25.12
N TRP B 123 -20.07 24.58 23.78
CA TRP B 123 -19.79 23.35 23.06
C TRP B 123 -19.10 23.70 21.73
N GLN B 124 -18.23 22.80 21.24
CA GLN B 124 -17.54 23.04 19.98
C GLN B 124 -17.40 21.76 19.17
N SER B 125 -17.67 21.80 17.86
CA SER B 125 -17.40 20.62 17.05
C SER B 125 -15.89 20.32 17.03
N PHE B 126 -15.08 21.35 17.18
CA PHE B 126 -13.63 21.17 17.20
C PHE B 126 -13.16 20.14 18.23
N ASP B 127 -13.97 19.95 19.27
CA ASP B 127 -13.72 18.98 20.33
C ASP B 127 -14.20 17.58 20.01
N TYR B 128 -15.04 17.44 18.98
CA TYR B 128 -15.61 16.15 18.63
C TYR B 128 -15.39 15.84 17.15
N PRO B 129 -14.13 15.55 16.79
CA PRO B 129 -13.76 15.32 15.38
C PRO B 129 -14.36 14.02 14.87
N THR B 130 -14.52 13.92 13.55
CA THR B 130 -15.00 12.68 12.95
C THR B 130 -13.78 11.87 12.46
N ASP B 131 -13.38 12.05 11.20
CA ASP B 131 -12.19 11.38 10.68
C ASP B 131 -11.07 12.36 10.26
N THR B 132 -11.30 13.65 10.53
CA THR B 132 -10.54 14.73 9.94
C THR B 132 -10.14 15.83 10.92
N LEU B 133 -8.85 16.17 10.89
CA LEU B 133 -8.34 17.35 11.58
C LEU B 133 -8.26 18.55 10.63
N LEU B 134 -8.96 19.62 10.98
CA LEU B 134 -8.86 20.87 10.21
C LEU B 134 -7.79 21.75 10.82
N PRO B 135 -7.34 22.79 10.09
CA PRO B 135 -6.44 23.78 10.70
C PRO B 135 -7.07 24.34 11.98
N GLU B 136 -6.26 24.65 12.99
CA GLU B 136 -6.71 25.14 14.31
C GLU B 136 -7.32 24.06 15.22
N MET B 137 -7.60 22.87 14.70
CA MET B 137 -8.10 21.81 15.57
C MET B 137 -6.99 21.16 16.39
N LYS B 138 -7.34 20.71 17.60
CA LYS B 138 -6.35 20.06 18.47
C LYS B 138 -6.48 18.54 18.49
N LEU B 139 -5.41 17.87 18.06
CA LEU B 139 -5.38 16.42 18.06
C LEU B 139 -4.57 15.96 19.28
N GLY B 140 -5.26 15.38 20.24
CA GLY B 140 -4.63 14.95 21.48
C GLY B 140 -5.42 15.37 22.71
N TYR B 141 -4.73 15.42 23.85
CA TYR B 141 -5.37 15.65 25.14
C TYR B 141 -5.59 17.10 25.54
N ASP B 142 -6.76 17.38 26.11
CA ASP B 142 -6.97 18.56 26.95
C ASP B 142 -6.79 18.09 28.39
N LEU B 143 -5.70 18.49 29.02
CA LEU B 143 -5.32 17.92 30.31
C LEU B 143 -6.23 18.26 31.48
N LYS B 144 -6.77 19.47 31.50
CA LYS B 144 -7.64 19.91 32.60
C LYS B 144 -8.89 19.04 32.63
N THR B 145 -9.40 18.76 31.44
CA THR B 145 -10.72 18.16 31.30
C THR B 145 -10.68 16.67 30.92
N GLY B 146 -9.50 16.16 30.61
CA GLY B 146 -9.37 14.75 30.23
C GLY B 146 -9.82 14.41 28.82
N LEU B 147 -10.21 15.41 28.04
CA LEU B 147 -10.75 15.10 26.72
C LEU B 147 -9.64 14.72 25.75
N ASN B 148 -9.64 13.47 25.29
CA ASN B 148 -8.75 13.10 24.21
C ASN B 148 -9.49 13.21 22.89
N ARG B 149 -9.07 14.16 22.05
CA ARG B 149 -9.66 14.34 20.73
C ARG B 149 -8.94 13.49 19.71
N PHE B 150 -9.63 12.50 19.15
CA PHE B 150 -9.03 11.63 18.12
C PHE B 150 -9.96 11.35 16.94
N LEU B 151 -9.39 10.67 15.95
CA LEU B 151 -10.02 10.46 14.65
C LEU B 151 -10.47 9.02 14.50
N VAL B 152 -11.63 8.83 13.88
CA VAL B 152 -12.17 7.50 13.60
C VAL B 152 -12.64 7.46 12.14
N SER B 153 -12.23 6.44 11.39
CA SER B 153 -12.53 6.45 9.97
C SER B 153 -14.01 6.15 9.72
N TRP B 154 -14.50 6.62 8.58
CA TRP B 154 -15.78 6.15 8.06
C TRP B 154 -15.64 4.66 7.83
N ARG B 155 -16.72 3.91 8.06
CA ARG B 155 -16.72 2.48 7.84
C ARG B 155 -16.39 2.11 6.39
N SER B 156 -16.85 2.93 5.47
CA SER B 156 -16.53 2.73 4.06
C SER B 156 -16.67 4.08 3.40
N SER B 157 -16.49 4.07 2.08
CA SER B 157 -16.57 5.26 1.27
C SER B 157 -17.92 5.97 1.38
N ASP B 158 -18.97 5.16 1.61
CA ASP B 158 -20.36 5.62 1.67
C ASP B 158 -20.93 5.67 3.08
N ASP B 159 -20.32 4.92 4.00
CA ASP B 159 -20.91 4.78 5.33
C ASP B 159 -20.08 5.50 6.42
N PRO B 160 -20.57 6.66 6.87
CA PRO B 160 -19.85 7.54 7.79
C PRO B 160 -19.84 7.03 9.23
N SER B 161 -20.57 5.96 9.52
CA SER B 161 -20.59 5.45 10.89
C SER B 161 -19.18 5.00 11.29
N SER B 162 -18.94 4.91 12.59
CA SER B 162 -17.60 4.64 13.13
C SER B 162 -16.92 3.40 12.54
N GLY B 163 -15.82 3.63 11.83
CA GLY B 163 -15.06 2.55 11.22
C GLY B 163 -14.22 1.78 12.21
N ASP B 164 -13.38 0.89 11.68
CA ASP B 164 -12.48 0.08 12.50
C ASP B 164 -11.23 0.84 12.89
N PHE B 165 -10.89 1.86 12.11
CA PHE B 165 -9.62 2.52 12.33
C PHE B 165 -9.76 3.77 13.13
N SER B 166 -8.90 3.90 14.12
CA SER B 166 -8.76 5.15 14.83
C SER B 166 -7.29 5.55 14.94
N TYR B 167 -7.07 6.85 14.86
CA TYR B 167 -5.77 7.44 14.99
C TYR B 167 -5.75 8.26 16.28
N LYS B 168 -5.01 7.80 17.29
CA LYS B 168 -5.09 8.46 18.59
C LYS B 168 -3.76 8.57 19.36
N LEU B 169 -3.68 9.60 20.19
CA LEU B 169 -2.55 9.79 21.10
C LEU B 169 -2.69 8.93 22.35
N ASP B 170 -1.59 8.28 22.73
CA ASP B 170 -1.54 7.53 23.96
C ASP B 170 -0.44 8.12 24.84
N ILE B 171 -0.82 8.50 26.06
CA ILE B 171 0.15 9.12 26.94
C ILE B 171 0.54 8.20 28.10
N GLN B 172 -0.03 7.00 28.14
CA GLN B 172 0.27 6.06 29.23
C GLN B 172 1.55 5.27 28.95
N ARG B 173 2.65 6.00 28.86
CA ARG B 173 3.92 5.42 28.45
C ARG B 173 4.95 6.52 28.62
N GLY B 174 6.21 6.20 28.32
CA GLY B 174 7.31 7.11 28.52
C GLY B 174 7.16 8.43 27.78
N LEU B 175 6.82 8.34 26.51
CA LEU B 175 6.63 9.54 25.71
C LEU B 175 5.25 9.46 25.07
N PRO B 176 4.61 10.60 24.87
CA PRO B 176 3.37 10.58 24.10
C PRO B 176 3.65 10.02 22.70
N GLU B 177 2.89 9.04 22.26
CA GLU B 177 3.05 8.46 20.93
C GLU B 177 1.70 8.30 20.24
N PHE B 178 1.64 8.64 18.96
CA PHE B 178 0.44 8.38 18.18
C PHE B 178 0.41 6.94 17.68
N TYR B 179 -0.77 6.35 17.70
CA TYR B 179 -0.97 4.99 17.20
C TYR B 179 -2.16 4.90 16.27
N THR B 180 -2.12 3.95 15.35
CA THR B 180 -3.29 3.58 14.56
C THR B 180 -3.80 2.23 15.02
N PHE B 181 -5.06 2.20 15.44
CA PHE B 181 -5.67 0.94 15.85
C PHE B 181 -6.70 0.48 14.84
N LYS B 182 -6.80 -0.83 14.67
CA LYS B 182 -7.93 -1.39 13.96
C LYS B 182 -8.73 -2.19 14.97
N ASP B 183 -9.89 -1.66 15.33
CA ASP B 183 -10.59 -2.06 16.56
C ASP B 183 -9.60 -2.00 17.71
N ASN B 184 -9.31 -3.16 18.31
CA ASN B 184 -8.33 -3.20 19.40
C ASN B 184 -6.91 -3.58 18.98
N THR B 185 -6.73 -3.94 17.72
CA THR B 185 -5.43 -4.36 17.21
C THR B 185 -4.59 -3.12 16.90
N LEU B 186 -3.37 -3.15 17.43
CA LEU B 186 -2.40 -2.11 17.23
C LEU B 186 -1.72 -2.38 15.89
N VAL B 187 -2.00 -1.57 14.86
CA VAL B 187 -1.53 -1.88 13.49
C VAL B 187 -0.40 -1.00 12.95
N HIS B 188 -0.32 0.23 13.43
CA HIS B 188 0.80 1.10 13.10
C HIS B 188 1.09 2.09 14.25
N ARG B 189 2.37 2.40 14.41
CA ARG B 189 2.82 3.30 15.46
C ARG B 189 3.49 4.53 14.87
N THR B 190 2.84 5.67 14.93
CA THR B 190 3.45 6.92 14.48
C THR B 190 4.61 7.28 15.42
N GLY B 191 4.46 6.99 16.71
CA GLY B 191 5.54 7.23 17.66
C GLY B 191 5.58 8.67 18.18
N PRO B 192 6.67 9.02 18.88
CA PRO B 192 6.81 10.29 19.61
C PRO B 192 7.15 11.48 18.73
N TRP B 193 6.97 12.66 19.29
CA TRP B 193 7.43 13.91 18.72
C TRP B 193 8.92 14.07 18.99
N ASN B 194 9.68 14.71 18.09
CA ASN B 194 11.15 14.60 18.18
C ASN B 194 12.16 15.78 18.28
N GLY B 195 11.79 17.06 18.41
CA GLY B 195 10.48 17.60 18.15
C GLY B 195 10.58 18.56 16.97
N ILE B 196 10.69 17.97 15.80
CA ILE B 196 10.50 18.70 14.57
C ILE B 196 9.23 18.12 13.94
N ARG B 197 8.97 16.84 14.26
CA ARG B 197 8.19 15.96 13.41
C ARG B 197 7.90 14.75 14.27
N PHE B 198 6.97 13.89 13.87
CA PHE B 198 6.81 12.61 14.59
C PHE B 198 7.73 11.56 14.02
N SER B 199 8.27 10.73 14.91
CA SER B 199 9.30 9.74 14.57
C SER B 199 8.95 8.91 13.33
N GLY B 200 7.70 8.46 13.25
CA GLY B 200 7.26 7.55 12.21
C GLY B 200 6.59 8.14 11.00
N ILE B 201 6.56 9.47 10.89
CA ILE B 201 6.07 10.12 9.68
C ILE B 201 7.05 11.22 9.23
N PRO B 202 8.14 10.81 8.55
CA PRO B 202 9.20 11.75 8.16
C PRO B 202 8.83 12.74 7.05
N GLU B 203 7.71 12.50 6.34
CA GLU B 203 7.34 13.40 5.25
C GLU B 203 6.75 14.73 5.73
N GLU B 204 6.19 14.74 6.95
CA GLU B 204 5.60 15.97 7.46
C GLU B 204 6.64 17.06 7.68
N GLN B 205 6.46 18.19 7.02
CA GLN B 205 7.41 19.29 7.12
C GLN B 205 6.71 20.60 6.76
N GLN B 206 7.29 21.70 7.19
CA GLN B 206 6.71 23.02 6.95
C GLN B 206 6.57 23.28 5.45
N LEU B 207 5.45 23.87 5.06
CA LEU B 207 5.18 24.15 3.65
C LEU B 207 5.01 25.64 3.45
N SER B 208 4.88 26.06 2.21
CA SER B 208 4.75 27.49 1.96
C SER B 208 3.44 28.03 2.50
N TYR B 209 2.46 27.14 2.69
CA TYR B 209 1.11 27.52 3.16
C TYR B 209 0.71 26.96 4.54
N MET B 210 1.51 26.09 5.15
CA MET B 210 1.14 25.61 6.48
C MET B 210 2.31 25.32 7.39
N VAL B 211 2.09 25.60 8.68
CA VAL B 211 3.03 25.31 9.74
C VAL B 211 2.31 24.47 10.77
N TYR B 212 3.06 23.69 11.54
CA TYR B 212 2.44 22.79 12.51
C TYR B 212 3.29 22.81 13.78
N ASN B 213 2.74 22.27 14.85
CA ASN B 213 3.48 22.18 16.10
C ASN B 213 2.87 21.14 17.04
N PHE B 214 3.64 20.76 18.05
CA PHE B 214 3.16 19.82 19.06
C PHE B 214 3.35 20.49 20.42
N THR B 215 2.26 20.70 21.12
CA THR B 215 2.33 21.35 22.42
C THR B 215 2.27 20.33 23.55
N GLU B 216 3.28 20.34 24.40
CA GLU B 216 3.29 19.47 25.55
C GLU B 216 3.62 20.29 26.77
N ASN B 217 2.55 20.79 27.39
CA ASN B 217 2.68 21.62 28.56
C ASN B 217 1.70 21.21 29.67
N SER B 218 1.46 22.15 30.56
CA SER B 218 0.60 21.88 31.71
C SER B 218 -0.86 21.80 31.31
N GLU B 219 -1.19 22.47 30.20
CA GLU B 219 -2.56 22.56 29.73
C GLU B 219 -2.98 21.46 28.76
N GLU B 220 -2.03 20.95 27.97
CA GLU B 220 -2.37 20.03 26.89
C GLU B 220 -1.22 19.19 26.33
N VAL B 221 -1.58 18.08 25.72
CA VAL B 221 -0.63 17.31 24.92
C VAL B 221 -1.26 17.11 23.56
N ALA B 222 -0.96 17.99 22.62
CA ALA B 222 -1.71 17.94 21.37
C ALA B 222 -0.97 18.45 20.15
N TYR B 223 -1.44 18.02 18.99
CA TYR B 223 -0.89 18.44 17.70
C TYR B 223 -1.83 19.43 17.01
N THR B 224 -1.25 20.42 16.34
CA THR B 224 -2.03 21.40 15.60
C THR B 224 -1.28 21.86 14.33
N PHE B 225 -2.00 22.06 13.23
CA PHE B 225 -1.41 22.81 12.11
C PHE B 225 -2.27 24.03 11.81
N LEU B 226 -1.66 25.04 11.20
CA LEU B 226 -2.36 26.22 10.74
C LEU B 226 -2.05 26.34 9.27
N VAL B 227 -3.02 26.72 8.46
CA VAL B 227 -2.75 27.07 7.06
C VAL B 227 -2.61 28.59 6.95
N THR B 228 -1.51 29.04 6.38
CA THR B 228 -1.18 30.46 6.41
C THR B 228 -1.65 31.18 5.15
N ASN B 229 -2.21 30.44 4.21
CA ASN B 229 -2.82 31.03 3.03
C ASN B 229 -4.28 30.62 3.00
N ASN B 230 -5.16 31.57 3.24
CA ASN B 230 -6.59 31.34 3.34
C ASN B 230 -7.23 30.68 2.11
N SER B 231 -6.59 30.79 0.96
CA SER B 231 -7.17 30.27 -0.26
C SER B 231 -6.76 28.83 -0.51
N ILE B 232 -5.94 28.29 0.38
CA ILE B 232 -5.46 26.92 0.24
C ILE B 232 -6.11 26.00 1.27
N TYR B 233 -6.62 24.85 0.82
CA TYR B 233 -7.25 23.91 1.74
C TYR B 233 -6.34 22.70 1.99
N SER B 234 -5.96 22.48 3.25
CA SER B 234 -5.22 21.29 3.62
C SER B 234 -5.83 20.70 4.88
N ARG B 235 -5.72 19.38 5.03
CA ARG B 235 -6.35 18.67 6.15
C ARG B 235 -5.66 17.31 6.36
N LEU B 236 -5.87 16.73 7.53
CA LEU B 236 -5.40 15.38 7.82
C LEU B 236 -6.61 14.49 8.04
N THR B 237 -6.64 13.38 7.32
CA THR B 237 -7.78 12.48 7.42
C THR B 237 -7.26 11.05 7.50
N ILE B 238 -7.86 10.27 8.39
CA ILE B 238 -7.65 8.83 8.32
C ILE B 238 -8.77 8.25 7.46
N ASN B 239 -8.42 7.68 6.30
CA ASN B 239 -9.43 7.17 5.37
C ASN B 239 -9.98 5.81 5.77
N PHE B 240 -11.04 5.35 5.09
CA PHE B 240 -11.70 4.11 5.50
C PHE B 240 -10.76 2.90 5.43
N SER B 241 -9.70 2.99 4.63
CA SER B 241 -8.72 1.89 4.52
C SER B 241 -7.62 1.93 5.57
N GLY B 242 -7.66 2.92 6.46
CA GLY B 242 -6.75 3.02 7.59
C GLY B 242 -5.48 3.85 7.38
N PHE B 243 -5.44 4.62 6.30
CA PHE B 243 -4.28 5.49 6.09
C PHE B 243 -4.55 6.88 6.60
N PHE B 244 -3.62 7.37 7.41
CA PHE B 244 -3.63 8.74 7.88
C PHE B 244 -2.84 9.58 6.86
N GLU B 245 -3.48 10.61 6.31
CA GLU B 245 -2.89 11.35 5.20
C GLU B 245 -3.03 12.84 5.35
N ARG B 246 -2.03 13.60 4.92
CA ARG B 246 -2.24 15.01 4.65
C ARG B 246 -2.69 15.18 3.20
N LEU B 247 -3.85 15.82 3.03
CA LEU B 247 -4.40 16.11 1.72
C LEU B 247 -4.54 17.62 1.50
N THR B 248 -4.10 18.07 0.33
CA THR B 248 -4.23 19.48 -0.02
C THR B 248 -4.97 19.59 -1.35
N TRP B 249 -6.02 20.41 -1.40
CA TRP B 249 -6.73 20.59 -2.66
C TRP B 249 -5.84 21.34 -3.64
N THR B 250 -5.53 20.70 -4.76
CA THR B 250 -4.66 21.31 -5.73
C THR B 250 -5.42 21.46 -7.04
N PRO B 251 -5.85 22.69 -7.34
CA PRO B 251 -6.65 23.04 -8.53
C PRO B 251 -6.09 22.54 -9.86
N SER B 252 -4.78 22.66 -10.06
CA SER B 252 -4.16 22.26 -11.32
C SER B 252 -4.30 20.76 -11.56
N LEU B 253 -4.47 20.01 -10.46
CA LEU B 253 -4.69 18.56 -10.52
C LEU B 253 -6.18 18.17 -10.47
N VAL B 254 -7.03 19.09 -10.04
CA VAL B 254 -8.46 18.81 -9.81
C VAL B 254 -8.63 17.60 -8.88
N ILE B 255 -7.89 17.61 -7.77
CA ILE B 255 -7.88 16.49 -6.86
C ILE B 255 -7.43 16.93 -5.46
N TRP B 256 -7.86 16.19 -4.45
CA TRP B 256 -7.23 16.30 -3.15
C TRP B 256 -5.88 15.58 -3.26
N ASN B 257 -4.81 16.36 -3.31
CA ASN B 257 -3.46 15.81 -3.48
C ASN B 257 -2.88 15.32 -2.15
N PRO B 258 -2.49 14.05 -2.11
CA PRO B 258 -1.89 13.50 -0.89
C PRO B 258 -0.43 13.90 -0.74
N ILE B 259 -0.17 14.85 0.15
CA ILE B 259 1.18 15.27 0.51
C ILE B 259 1.96 14.12 1.14
N TRP B 260 1.31 13.35 2.00
CA TRP B 260 1.90 12.13 2.54
C TRP B 260 0.84 11.14 3.00
N SER B 261 1.23 9.88 3.18
CA SER B 261 0.31 8.83 3.58
C SER B 261 0.99 7.91 4.53
N SER B 262 0.28 7.56 5.61
CA SER B 262 0.86 6.76 6.66
C SER B 262 -0.08 5.62 7.06
N PRO B 263 0.42 4.37 7.08
CA PRO B 263 1.81 3.96 6.81
C PRO B 263 2.24 4.11 5.35
N ALA B 264 3.49 4.52 5.17
CA ALA B 264 4.07 4.80 3.86
C ALA B 264 4.63 3.53 3.23
N SER B 265 5.00 2.55 4.04
CA SER B 265 5.65 1.34 3.55
C SER B 265 5.06 0.06 4.16
N PHE B 266 4.50 -0.80 3.32
CA PHE B 266 3.94 -2.08 3.79
C PHE B 266 5.08 -2.97 4.29
N GLN B 267 6.28 -2.70 3.79
CA GLN B 267 7.46 -3.48 4.14
C GLN B 267 7.94 -3.25 5.57
N CYS B 268 8.06 -1.98 5.97
CA CYS B 268 8.72 -1.67 7.22
C CYS B 268 7.88 -0.94 8.28
N ASP B 269 6.78 -0.32 7.85
CA ASP B 269 5.95 0.45 8.76
C ASP B 269 4.95 -0.32 9.62
N PRO B 270 4.40 -1.47 9.14
CA PRO B 270 3.44 -2.14 10.04
C PRO B 270 4.04 -2.48 11.42
N TYR B 271 3.18 -2.39 12.43
CA TYR B 271 3.60 -2.56 13.81
C TYR B 271 4.25 -3.92 14.10
N MET B 272 5.52 -3.85 14.54
CA MET B 272 6.34 -5.03 14.82
C MET B 272 6.43 -6.06 13.69
N ILE B 273 6.64 -5.66 12.43
CA ILE B 273 6.92 -6.67 11.39
C ILE B 273 8.22 -7.42 11.67
N CYS B 274 9.15 -6.76 12.34
CA CYS B 274 10.39 -7.42 12.79
C CYS B 274 10.31 -7.66 14.30
N GLY B 275 10.84 -8.78 14.76
CA GLY B 275 10.78 -9.09 16.18
C GLY B 275 11.69 -8.20 17.03
N PRO B 276 11.69 -8.45 18.34
CA PRO B 276 12.49 -7.68 19.30
C PRO B 276 13.99 -7.72 19.01
N GLY B 277 14.68 -6.60 19.18
CA GLY B 277 16.12 -6.56 19.05
C GLY B 277 16.57 -6.62 17.60
N SER B 278 15.65 -6.34 16.68
CA SER B 278 15.98 -6.21 15.26
C SER B 278 15.32 -4.95 14.69
N TYR B 279 15.64 -4.60 13.47
CA TYR B 279 14.99 -3.44 12.86
C TYR B 279 14.75 -3.68 11.39
N CYS B 280 13.74 -3.00 10.86
CA CYS B 280 13.37 -3.15 9.47
C CYS B 280 14.08 -2.10 8.63
N ASP B 281 14.53 -2.53 7.45
CA ASP B 281 15.23 -1.66 6.51
C ASP B 281 14.71 -1.97 5.10
N VAL B 282 14.13 -0.98 4.44
CA VAL B 282 13.52 -1.19 3.13
C VAL B 282 14.53 -1.53 2.02
N ASN B 283 15.81 -1.29 2.29
CA ASN B 283 16.83 -1.51 1.28
C ASN B 283 17.68 -2.75 1.51
N THR B 284 17.29 -3.59 2.45
CA THR B 284 18.03 -4.81 2.72
C THR B 284 17.11 -6.01 2.54
N LEU B 285 17.72 -7.18 2.38
CA LEU B 285 17.00 -8.45 2.28
C LEU B 285 17.80 -9.46 3.08
N PRO B 286 17.20 -10.05 4.13
CA PRO B 286 15.84 -9.82 4.64
C PRO B 286 15.65 -8.36 5.10
N LEU B 287 14.39 -7.97 5.25
CA LEU B 287 14.03 -6.65 5.73
C LEU B 287 14.47 -6.41 7.19
N CYS B 288 14.42 -7.47 7.98
CA CYS B 288 14.68 -7.36 9.41
C CYS B 288 16.16 -7.63 9.67
N ASN B 289 16.79 -6.69 10.35
CA ASN B 289 18.20 -6.81 10.64
C ASN B 289 18.43 -6.87 12.13
N CYS B 290 19.17 -7.90 12.57
CA CYS B 290 19.62 -7.97 13.94
C CYS B 290 20.38 -6.71 14.28
N ILE B 291 20.21 -6.21 15.50
CA ILE B 291 21.01 -5.09 15.97
C ILE B 291 22.46 -5.55 16.04
N GLN B 292 23.38 -4.66 15.71
CA GLN B 292 24.80 -4.90 15.89
C GLN B 292 25.09 -5.46 17.28
N GLY B 293 25.65 -6.67 17.34
CA GLY B 293 25.96 -7.29 18.63
C GLY B 293 24.92 -8.32 19.01
N PHE B 294 23.88 -8.44 18.18
CA PHE B 294 22.80 -9.39 18.42
C PHE B 294 22.82 -10.47 17.35
N LYS B 295 22.25 -11.61 17.68
CA LYS B 295 22.13 -12.69 16.71
C LYS B 295 20.67 -13.13 16.74
N PRO B 296 20.21 -13.78 15.67
CA PRO B 296 18.82 -14.29 15.62
C PRO B 296 18.56 -15.36 16.68
N LEU B 297 17.40 -15.30 17.33
CA LEU B 297 17.01 -16.33 18.29
C LEU B 297 16.77 -17.68 17.59
N ASN B 298 16.34 -17.65 16.33
CA ASN B 298 16.14 -18.86 15.55
C ASN B 298 16.60 -18.64 14.10
N VAL B 299 17.81 -19.12 13.80
CA VAL B 299 18.49 -18.84 12.54
C VAL B 299 17.78 -19.48 11.33
N GLN B 300 17.30 -20.70 11.52
CA GLN B 300 16.58 -21.44 10.49
C GLN B 300 15.31 -20.67 10.12
N GLU B 301 14.60 -20.15 11.12
CA GLU B 301 13.48 -19.25 10.86
C GLU B 301 13.96 -17.96 10.21
N TRP B 302 15.07 -17.41 10.70
CA TRP B 302 15.62 -16.16 10.19
C TRP B 302 15.99 -16.24 8.72
N ASP B 303 16.54 -17.38 8.31
CA ASP B 303 16.92 -17.56 6.90
C ASP B 303 15.70 -17.72 6.01
N MET B 304 14.60 -18.22 6.58
CA MET B 304 13.35 -18.36 5.84
C MET B 304 12.53 -17.07 5.92
N ARG B 305 13.19 -16.00 6.37
CA ARG B 305 12.56 -14.68 6.56
C ARG B 305 11.35 -14.73 7.52
N ASP B 306 11.43 -15.62 8.51
CA ASP B 306 10.53 -15.63 9.65
C ASP B 306 11.24 -14.89 10.80
N HIS B 307 10.87 -13.64 11.00
CA HIS B 307 11.60 -12.79 11.91
C HIS B 307 10.92 -12.61 13.28
N THR B 308 9.90 -13.43 13.53
CA THR B 308 9.00 -13.28 14.68
C THR B 308 9.68 -13.24 16.04
N ARG B 309 10.59 -14.18 16.28
CA ARG B 309 11.21 -14.30 17.59
C ARG B 309 12.22 -13.19 17.85
N GLY B 310 12.66 -12.53 16.78
CA GLY B 310 13.61 -11.43 16.91
C GLY B 310 15.03 -11.89 17.21
N CYS B 311 15.80 -11.01 17.84
CA CYS B 311 17.22 -11.28 18.10
C CYS B 311 17.59 -11.13 19.58
N ILE B 312 18.72 -11.71 19.95
CA ILE B 312 19.23 -11.61 21.31
C ILE B 312 20.71 -11.23 21.32
N ARG B 313 21.16 -10.66 22.43
CA ARG B 313 22.58 -10.35 22.60
C ARG B 313 23.46 -11.57 22.43
N ARG B 314 24.59 -11.40 21.74
CA ARG B 314 25.56 -12.48 21.61
C ARG B 314 26.24 -12.74 22.96
N THR B 315 26.41 -11.68 23.75
CA THR B 315 27.12 -11.77 25.02
C THR B 315 26.33 -11.17 26.17
N ARG B 316 26.22 -11.93 27.25
CA ARG B 316 25.57 -11.45 28.47
C ARG B 316 26.20 -10.13 28.96
N LEU B 317 25.35 -9.23 29.46
CA LEU B 317 25.79 -7.94 30.00
C LEU B 317 26.46 -8.07 31.36
N SER B 318 27.43 -7.21 31.65
CA SER B 318 28.04 -7.17 32.97
C SER B 318 27.88 -5.81 33.68
N CYS B 319 26.89 -5.03 33.24
CA CYS B 319 26.64 -3.68 33.77
C CYS B 319 27.88 -2.77 33.74
N ARG B 320 28.73 -2.88 34.76
CA ARG B 320 29.99 -2.14 34.77
C ARG B 320 30.89 -2.60 33.62
N GLY B 321 31.36 -1.66 32.81
CA GLY B 321 32.19 -1.96 31.67
C GLY B 321 31.45 -2.11 30.34
N ASP B 322 30.13 -2.17 30.37
CA ASP B 322 29.36 -2.26 29.12
C ASP B 322 29.58 -1.02 28.28
N GLY B 323 29.36 -1.16 26.97
CA GLY B 323 29.43 -0.05 26.04
C GLY B 323 28.16 0.06 25.22
N PHE B 324 28.22 0.82 24.13
CA PHE B 324 27.08 0.99 23.26
C PHE B 324 27.43 0.86 21.77
N THR B 325 26.48 0.35 20.99
CA THR B 325 26.55 0.50 19.56
C THR B 325 25.63 1.66 19.19
N ARG B 326 26.11 2.55 18.33
CA ARG B 326 25.32 3.70 17.89
C ARG B 326 24.58 3.38 16.62
N MET B 327 23.25 3.30 16.71
CA MET B 327 22.42 3.05 15.54
C MET B 327 22.02 4.39 14.90
N LYS B 328 22.05 4.46 13.57
CA LYS B 328 21.79 5.72 12.88
C LYS B 328 20.42 5.75 12.21
N ASN B 329 19.88 6.96 12.05
CA ASN B 329 18.71 7.17 11.21
C ASN B 329 17.52 6.31 11.63
N MET B 330 17.29 6.23 12.94
CA MET B 330 16.31 5.31 13.51
C MET B 330 14.98 5.94 13.88
N LYS B 331 13.92 5.16 13.71
CA LYS B 331 12.65 5.39 14.39
C LYS B 331 12.86 4.79 15.79
N LEU B 332 12.77 5.63 16.82
CA LEU B 332 13.00 5.18 18.20
C LEU B 332 12.02 4.04 18.52
N PRO B 333 12.47 3.05 19.29
CA PRO B 333 11.59 1.94 19.68
C PRO B 333 10.47 2.41 20.65
N GLU B 334 9.43 1.58 20.80
CA GLU B 334 8.24 1.91 21.59
C GLU B 334 8.59 2.23 23.04
N THR B 335 7.97 3.26 23.61
CA THR B 335 8.38 3.79 24.90
C THR B 335 7.52 3.37 26.11
N THR B 336 6.91 2.19 26.03
CA THR B 336 6.10 1.69 27.15
C THR B 336 6.96 1.60 28.43
N MET B 337 8.15 1.02 28.30
CA MET B 337 9.01 0.86 29.46
C MET B 337 10.18 1.85 29.47
N ALA B 338 9.91 3.08 29.06
CA ALA B 338 10.99 4.05 28.94
C ALA B 338 10.77 5.25 29.82
N THR B 339 11.86 5.93 30.18
CA THR B 339 11.76 7.17 30.93
C THR B 339 12.39 8.31 30.15
N VAL B 340 12.02 9.53 30.52
CA VAL B 340 12.53 10.73 29.88
C VAL B 340 12.85 11.82 30.91
N ASP B 341 13.97 12.50 30.71
CA ASP B 341 14.35 13.70 31.44
C ASP B 341 14.79 14.67 30.36
N ARG B 342 13.93 15.61 29.98
CA ARG B 342 14.20 16.49 28.83
C ARG B 342 15.25 17.56 29.13
N SER B 343 15.62 17.71 30.39
CA SER B 343 16.51 18.80 30.79
C SER B 343 18.00 18.46 30.71
N ILE B 344 18.34 17.17 30.64
CA ILE B 344 19.75 16.78 30.57
C ILE B 344 20.16 16.37 29.15
N GLY B 345 21.46 16.14 28.93
CA GLY B 345 21.98 15.87 27.59
C GLY B 345 22.58 14.49 27.35
N VAL B 346 23.15 14.31 26.16
CA VAL B 346 23.61 12.99 25.70
C VAL B 346 24.65 12.32 26.60
N LYS B 347 25.64 13.09 27.03
CA LYS B 347 26.67 12.55 27.91
C LYS B 347 26.06 12.18 29.27
N GLU B 348 25.32 13.10 29.86
CA GLU B 348 24.64 12.82 31.12
C GLU B 348 23.71 11.60 30.99
N CYS B 349 23.15 11.40 29.80
CA CYS B 349 22.26 10.27 29.50
C CYS B 349 23.00 8.93 29.47
N GLU B 350 24.17 8.90 28.84
CA GLU B 350 24.97 7.68 28.79
C GLU B 350 25.36 7.26 30.21
N LYS B 351 25.87 8.22 30.97
CA LYS B 351 26.19 8.01 32.38
C LYS B 351 25.03 7.38 33.17
N LYS B 352 23.88 8.05 33.16
CA LYS B 352 22.66 7.55 33.80
C LYS B 352 22.29 6.15 33.29
N CYS B 353 22.37 5.95 31.98
CA CYS B 353 22.10 4.64 31.41
C CYS B 353 23.11 3.58 31.88
N LEU B 354 24.40 3.87 31.76
CA LEU B 354 25.44 2.97 32.27
C LEU B 354 25.24 2.58 33.73
N SER B 355 24.88 3.56 34.54
CA SER B 355 24.77 3.36 35.99
C SER B 355 23.60 2.46 36.39
N ASP B 356 22.59 2.43 35.51
CA ASP B 356 21.39 1.64 35.71
C ASP B 356 21.59 0.32 35.00
N CYS B 357 21.64 -0.76 35.78
CA CYS B 357 21.89 -2.08 35.19
C CYS B 357 20.71 -2.59 34.36
N ASN B 358 19.57 -1.93 34.45
CA ASN B 358 18.42 -2.32 33.66
C ASN B 358 18.26 -1.58 32.31
N CYS B 359 18.97 -0.48 32.13
CA CYS B 359 18.85 0.31 30.91
C CYS B 359 19.50 -0.42 29.75
N THR B 360 18.76 -0.58 28.66
CA THR B 360 19.26 -1.38 27.53
C THR B 360 19.52 -0.49 26.33
N ALA B 361 19.07 0.76 26.42
CA ALA B 361 19.27 1.70 25.32
C ALA B 361 18.90 3.10 25.77
N PHE B 362 19.46 4.10 25.09
CA PHE B 362 19.17 5.50 25.37
C PHE B 362 19.25 6.34 24.10
N ALA B 363 18.64 7.53 24.10
CA ALA B 363 18.59 8.39 22.91
C ALA B 363 18.27 9.81 23.34
N ASN B 364 18.51 10.80 22.48
CA ASN B 364 18.00 12.16 22.74
C ASN B 364 16.46 12.20 22.65
N ALA B 365 15.82 13.13 23.36
CA ALA B 365 14.37 13.25 23.27
C ALA B 365 13.97 14.28 22.20
N ASP B 366 14.89 15.18 21.91
CA ASP B 366 14.67 16.25 20.95
C ASP B 366 15.89 16.33 20.00
N ILE B 367 15.66 16.55 18.72
CA ILE B 367 16.77 16.52 17.78
C ILE B 367 17.24 17.92 17.41
N ARG B 368 16.48 18.93 17.82
CA ARG B 368 16.88 20.31 17.55
C ARG B 368 18.16 20.67 18.30
N ASP B 369 18.92 21.61 17.75
CA ASP B 369 20.14 22.14 18.36
C ASP B 369 21.26 21.14 18.60
N GLY B 370 21.40 20.14 17.73
CA GLY B 370 22.42 19.15 17.95
C GLY B 370 21.96 18.10 18.95
N GLY B 371 20.71 18.21 19.40
CA GLY B 371 20.12 17.19 20.26
C GLY B 371 20.18 17.44 21.75
N THR B 372 19.04 17.28 22.42
CA THR B 372 18.91 17.39 23.87
C THR B 372 17.93 16.35 24.48
N GLY B 373 17.92 16.27 25.80
CA GLY B 373 17.02 15.40 26.53
C GLY B 373 17.55 13.97 26.62
N CYS B 374 17.01 13.20 27.56
CA CYS B 374 17.42 11.80 27.75
C CYS B 374 16.23 10.86 27.74
N VAL B 375 16.26 9.84 26.88
CA VAL B 375 15.24 8.80 26.89
C VAL B 375 15.93 7.48 27.16
N ILE B 376 15.44 6.74 28.14
CA ILE B 376 16.07 5.51 28.59
C ILE B 376 15.11 4.35 28.48
N TRP B 377 15.56 3.24 27.95
CA TRP B 377 14.70 2.07 27.77
C TRP B 377 15.21 0.97 28.69
N THR B 378 14.31 0.10 29.09
CA THR B 378 14.67 -1.11 29.79
C THR B 378 14.02 -2.23 29.02
N GLY B 379 14.55 -3.45 29.12
CA GLY B 379 13.91 -4.57 28.46
C GLY B 379 14.09 -4.53 26.94
N ARG B 380 13.26 -5.32 26.26
CA ARG B 380 13.27 -5.54 24.82
C ARG B 380 12.99 -4.27 24.03
N LEU B 381 13.64 -4.14 22.87
CA LEU B 381 13.38 -3.00 21.98
C LEU B 381 12.44 -3.41 20.85
N ASP B 382 11.29 -2.73 20.73
CA ASP B 382 10.24 -3.14 19.78
C ASP B 382 9.88 -2.08 18.72
N ASP B 383 9.50 -2.56 17.54
CA ASP B 383 8.93 -1.76 16.45
C ASP B 383 9.95 -0.77 15.87
N MET B 384 11.14 -1.25 15.66
CA MET B 384 12.17 -0.39 15.12
C MET B 384 12.25 -0.53 13.62
N ARG B 385 12.61 0.56 12.96
CA ARG B 385 12.97 0.56 11.55
C ARG B 385 13.98 1.68 11.34
N ASN B 386 14.70 1.68 10.22
CA ASN B 386 15.54 2.83 9.94
C ASN B 386 15.02 3.63 8.75
N TYR B 387 15.74 4.69 8.40
CA TYR B 387 15.40 5.52 7.25
C TYR B 387 16.68 5.83 6.49
N ALA B 388 16.56 6.10 5.19
CA ALA B 388 17.74 6.45 4.41
C ALA B 388 18.20 7.86 4.77
N VAL B 389 17.25 8.78 4.99
CA VAL B 389 17.56 10.20 5.11
C VAL B 389 16.93 10.89 6.32
N SER B 390 16.30 10.15 7.22
CA SER B 390 15.73 10.80 8.41
C SER B 390 15.99 9.98 9.67
N GLY B 391 15.29 10.30 10.76
CA GLY B 391 15.46 9.52 11.97
C GLY B 391 16.56 10.06 12.85
N GLN B 392 17.13 9.20 13.68
CA GLN B 392 17.81 9.71 14.88
C GLN B 392 18.77 8.65 15.42
N ASP B 393 19.75 9.07 16.22
CA ASP B 393 20.68 8.12 16.81
C ASP B 393 20.02 7.31 17.92
N LEU B 394 20.35 6.02 17.99
CA LEU B 394 19.93 5.22 19.14
C LEU B 394 21.11 4.38 19.64
N TYR B 395 21.43 4.50 20.93
CA TYR B 395 22.54 3.76 21.49
C TYR B 395 22.03 2.56 22.23
N VAL B 396 22.42 1.37 21.76
CA VAL B 396 21.97 0.13 22.36
C VAL B 396 23.13 -0.50 23.13
N ARG B 397 22.86 -0.87 24.38
CA ARG B 397 23.88 -1.35 25.30
C ARG B 397 24.41 -2.73 24.89
N LEU B 398 25.73 -2.88 24.94
CA LEU B 398 26.40 -4.15 24.63
C LEU B 398 27.49 -4.48 25.64
N ALA B 399 27.78 -5.77 25.79
CA ALA B 399 28.93 -6.20 26.57
C ALA B 399 30.22 -5.70 25.92
N ALA B 400 31.26 -5.44 26.73
CA ALA B 400 32.52 -4.88 26.25
C ALA B 400 33.13 -5.59 25.03
N ALA B 401 33.13 -6.92 25.04
CA ALA B 401 33.67 -7.71 23.92
C ALA B 401 33.03 -7.42 22.57
N ASP B 402 31.76 -7.02 22.59
CA ASP B 402 31.01 -6.79 21.36
C ASP B 402 30.95 -5.34 20.93
N VAL B 403 31.50 -4.45 21.74
CA VAL B 403 31.58 -3.05 21.35
C VAL B 403 32.67 -2.80 20.28
N VAL B 404 32.36 -1.97 19.29
CA VAL B 404 33.37 -1.39 18.43
C VAL B 404 33.64 0.03 18.96
N GLU B 405 34.92 0.42 19.03
CA GLU B 405 35.27 1.81 19.32
C GLU B 405 35.01 2.71 18.11
N ALA C 1 -12.79 -20.57 46.33
CA ALA C 1 -14.19 -20.21 46.01
C ALA C 1 -14.39 -18.70 46.11
N ALA C 2 -14.69 -18.11 44.95
CA ALA C 2 -14.71 -16.67 44.75
C ALA C 2 -13.33 -15.99 44.72
N ALA C 3 -12.26 -16.77 44.58
CA ALA C 3 -10.92 -16.20 44.44
C ALA C 3 -10.83 -15.36 43.18
N ASN C 4 -9.90 -14.40 43.16
CA ASN C 4 -9.60 -13.66 41.93
C ASN C 4 -9.07 -14.56 40.79
N LEU C 5 -9.64 -14.44 39.59
CA LEU C 5 -9.20 -15.25 38.44
C LEU C 5 -7.81 -14.81 37.95
N ARG C 6 -7.14 -15.64 37.17
CA ARG C 6 -5.87 -15.20 36.57
C ARG C 6 -6.18 -14.13 35.53
N LYS C 7 -5.29 -13.15 35.43
CA LYS C 7 -5.51 -12.04 34.52
C LYS C 7 -5.28 -12.45 33.07
N THR C 8 -6.17 -12.01 32.19
CA THR C 8 -6.10 -12.42 30.80
C THR C 8 -5.06 -11.57 30.06
N CYS C 9 -4.31 -12.19 29.16
CA CYS C 9 -3.29 -11.44 28.45
C CYS C 9 -3.38 -11.63 26.94
N VAL C 10 -2.78 -10.70 26.19
CA VAL C 10 -2.78 -10.78 24.74
C VAL C 10 -1.35 -10.95 24.20
N HIS C 11 -1.17 -11.95 23.34
CA HIS C 11 0.09 -12.18 22.65
C HIS C 11 -0.04 -11.84 21.15
N ARG C 12 0.97 -11.14 20.64
CA ARG C 12 0.93 -10.53 19.33
C ARG C 12 1.91 -11.17 18.37
N LEU C 13 1.41 -11.60 17.21
CA LEU C 13 2.25 -12.18 16.18
C LEU C 13 1.87 -11.57 14.84
N ASN C 14 2.77 -10.78 14.28
CA ASN C 14 2.48 -10.06 13.04
C ASN C 14 3.50 -10.47 11.98
N SER C 15 3.07 -10.50 10.72
CA SER C 15 3.99 -10.76 9.60
C SER C 15 3.37 -10.40 8.25
N GLY C 16 4.18 -10.34 7.20
CA GLY C 16 3.69 -10.00 5.88
C GLY C 16 2.61 -10.96 5.39
N GLY C 17 1.69 -10.47 4.58
CA GLY C 17 0.65 -11.35 4.05
C GLY C 17 -0.77 -11.01 4.48
N SER C 18 -1.62 -12.03 4.59
CA SER C 18 -3.01 -11.80 4.95
C SER C 18 -3.57 -12.90 5.82
N CYS C 19 -4.80 -12.70 6.30
CA CYS C 19 -5.50 -13.67 7.13
C CYS C 19 -5.90 -14.92 6.35
N GLY C 20 -6.56 -14.72 5.21
CA GLY C 20 -7.04 -15.83 4.42
C GLY C 20 -8.36 -16.41 4.91
N LYS C 21 -8.71 -17.58 4.37
CA LYS C 21 -9.98 -18.23 4.69
C LYS C 21 -10.00 -18.84 6.09
N SER C 22 -8.83 -18.99 6.70
CA SER C 22 -8.69 -19.64 8.01
C SER C 22 -7.72 -18.93 8.92
N GLY C 23 -7.76 -17.61 8.92
CA GLY C 23 -6.79 -16.82 9.66
C GLY C 23 -6.67 -17.19 11.13
N GLN C 24 -7.81 -17.36 11.80
CA GLN C 24 -7.80 -17.64 13.23
C GLN C 24 -7.01 -18.89 13.57
N HIS C 25 -7.32 -19.98 12.87
CA HIS C 25 -6.65 -21.25 13.13
C HIS C 25 -5.18 -21.19 12.73
N ASP C 26 -4.87 -20.46 11.67
CA ASP C 26 -3.49 -20.28 11.23
C ASP C 26 -2.71 -19.55 12.32
N CYS C 27 -3.26 -18.45 12.81
CA CYS C 27 -2.66 -17.70 13.90
C CYS C 27 -2.41 -18.60 15.11
N GLU C 28 -3.39 -19.45 15.44
CA GLU C 28 -3.28 -20.33 16.60
C GLU C 28 -2.18 -21.37 16.43
N ALA C 29 -2.09 -21.91 15.23
CA ALA C 29 -1.05 -22.86 14.92
C ALA C 29 0.31 -22.17 14.97
N PHE C 30 0.36 -20.93 14.45
CA PHE C 30 1.52 -20.06 14.46
C PHE C 30 1.97 -19.83 15.91
N TYR C 31 1.00 -19.54 16.78
CA TYR C 31 1.29 -19.33 18.19
C TYR C 31 1.91 -20.57 18.82
N THR C 32 1.25 -21.70 18.66
CA THR C 32 1.75 -22.95 19.20
C THR C 32 3.17 -23.24 18.74
N ASN C 33 3.40 -23.06 17.44
CA ASN C 33 4.74 -23.24 16.88
C ASN C 33 5.80 -22.33 17.53
N LYS C 34 5.38 -21.13 17.93
CA LYS C 34 6.25 -20.14 18.55
C LYS C 34 6.45 -20.27 20.08
N THR C 35 5.50 -20.88 20.77
CA THR C 35 5.55 -20.92 22.25
C THR C 35 5.48 -22.30 22.86
N ASN C 36 5.17 -23.29 22.03
CA ASN C 36 4.97 -24.68 22.43
C ASN C 36 3.74 -24.88 23.32
N GLN C 37 2.92 -23.84 23.42
CA GLN C 37 1.68 -24.00 24.16
C GLN C 37 0.47 -23.58 23.33
N LYS C 38 -0.71 -23.67 23.94
CA LYS C 38 -1.98 -23.43 23.28
C LYS C 38 -2.58 -22.13 23.82
N ALA C 39 -3.11 -21.30 22.91
CA ALA C 39 -3.79 -20.09 23.34
C ALA C 39 -5.26 -20.40 23.49
N PHE C 40 -5.98 -19.56 24.22
CA PHE C 40 -7.43 -19.75 24.33
C PHE C 40 -8.04 -19.67 22.94
N TYR C 41 -7.62 -18.65 22.19
CA TYR C 41 -8.02 -18.44 20.80
C TYR C 41 -7.12 -17.35 20.20
N CYS C 42 -7.21 -17.16 18.89
CA CYS C 42 -6.53 -16.04 18.24
C CYS C 42 -7.47 -15.29 17.30
N ASN C 43 -7.50 -13.97 17.42
CA ASN C 43 -8.12 -13.13 16.40
C ASN C 43 -7.07 -12.87 15.32
N CYS C 44 -7.54 -12.66 14.09
CA CYS C 44 -6.67 -12.33 12.97
C CYS C 44 -7.25 -11.17 12.16
N THR C 45 -6.45 -10.16 11.83
CA THR C 45 -6.89 -9.12 10.89
C THR C 45 -5.75 -8.77 9.94
N SER C 46 -6.06 -8.09 8.85
CA SER C 46 -5.13 -8.09 7.72
C SER C 46 -4.95 -6.80 6.89
N PRO C 47 -4.92 -5.62 7.53
CA PRO C 47 -4.67 -4.44 6.71
C PRO C 47 -3.18 -4.26 6.46
N PHE C 48 -2.84 -3.29 5.60
CA PHE C 48 -1.44 -2.94 5.32
C PHE C 48 -0.58 -4.13 4.86
N ARG C 49 -1.17 -5.06 4.10
CA ARG C 49 -0.47 -6.25 3.59
C ARG C 49 0.23 -7.07 4.70
N THR C 50 -0.38 -7.07 5.89
CA THR C 50 0.19 -7.69 7.09
C THR C 50 -0.87 -8.51 7.80
N ARG C 51 -0.52 -9.70 8.25
CA ARG C 51 -1.41 -10.50 9.07
C ARG C 51 -1.11 -10.19 10.53
N TYR C 52 -2.11 -9.66 11.24
CA TYR C 52 -1.96 -9.39 12.68
C TYR C 52 -2.61 -10.49 13.47
N CYS C 53 -1.80 -11.28 14.17
CA CYS C 53 -2.38 -12.23 15.12
C CYS C 53 -2.48 -11.63 16.53
N ASP C 54 -3.69 -11.64 17.09
CA ASP C 54 -3.93 -11.23 18.48
C ASP C 54 -4.35 -12.43 19.30
N CYS C 55 -3.43 -12.95 20.11
CA CYS C 55 -3.65 -14.20 20.81
C CYS C 55 -3.95 -14.06 22.30
N ALA C 56 -5.12 -14.54 22.70
CA ALA C 56 -5.55 -14.54 24.09
C ALA C 56 -4.87 -15.64 24.90
N ILE C 57 -4.02 -15.24 25.85
CA ILE C 57 -3.28 -16.17 26.70
C ILE C 57 -3.43 -15.86 28.20
N ALA C 58 -3.01 -16.77 29.07
CA ALA C 58 -3.00 -16.48 30.49
C ALA C 58 -1.63 -15.96 30.95
N ARG D 6 -10.79 8.24 -37.72
CA ARG D 6 -11.87 7.70 -36.89
C ARG D 6 -11.40 6.54 -36.01
N LYS D 7 -12.08 6.41 -34.88
CA LYS D 7 -11.75 5.50 -33.78
C LYS D 7 -10.69 6.14 -32.87
N THR D 8 -10.97 6.09 -31.58
CA THR D 8 -10.28 6.90 -30.58
C THR D 8 -8.92 6.39 -30.05
N CYS D 9 -8.14 7.35 -29.56
CA CYS D 9 -6.81 7.09 -28.96
C CYS D 9 -6.87 7.56 -27.51
N VAL D 10 -5.86 7.20 -26.72
CA VAL D 10 -5.87 7.55 -25.31
C VAL D 10 -4.78 8.54 -24.89
N HIS D 11 -5.18 9.57 -24.15
CA HIS D 11 -4.23 10.48 -23.52
C HIS D 11 -4.24 10.16 -22.04
N ARG D 12 -3.04 10.03 -21.48
CA ARG D 12 -2.91 9.40 -20.19
C ARG D 12 -2.35 10.40 -19.17
N LEU D 13 -3.09 10.61 -18.09
CA LEU D 13 -2.69 11.55 -17.02
C LEU D 13 -2.89 10.97 -15.62
N ASN D 14 -1.78 10.77 -14.90
CA ASN D 14 -1.80 10.11 -13.60
C ASN D 14 -1.26 10.97 -12.48
N SER D 15 -1.79 10.78 -11.27
CA SER D 15 -1.26 11.44 -10.08
C SER D 15 -1.72 10.78 -8.78
N GLY D 16 -1.09 11.18 -7.68
CA GLY D 16 -1.42 10.65 -6.37
C GLY D 16 -2.86 10.98 -5.99
N GLY D 17 -3.47 10.08 -5.23
CA GLY D 17 -4.84 10.30 -4.78
C GLY D 17 -5.82 9.27 -5.29
N SER D 18 -7.08 9.67 -5.45
CA SER D 18 -8.08 8.70 -5.89
C SER D 18 -9.14 9.31 -6.79
N CYS D 19 -10.00 8.45 -7.33
CA CYS D 19 -11.04 8.88 -8.26
C CYS D 19 -12.08 9.73 -7.57
N GLY D 20 -12.60 9.22 -6.47
CA GLY D 20 -13.71 9.87 -5.80
C GLY D 20 -14.97 9.56 -6.56
N LYS D 21 -16.06 10.22 -6.19
CA LYS D 21 -17.36 9.96 -6.81
C LYS D 21 -17.50 10.65 -8.17
N SER D 22 -16.53 11.50 -8.53
CA SER D 22 -16.62 12.27 -9.77
C SER D 22 -15.33 12.20 -10.59
N GLY D 23 -14.70 11.03 -10.60
CA GLY D 23 -13.41 10.84 -11.26
C GLY D 23 -13.44 11.23 -12.72
N GLN D 24 -14.48 10.78 -13.42
CA GLN D 24 -14.60 11.05 -14.85
C GLN D 24 -14.58 12.54 -15.12
N HIS D 25 -15.43 13.28 -14.41
CA HIS D 25 -15.53 14.72 -14.63
C HIS D 25 -14.24 15.44 -14.20
N ASP D 26 -13.66 14.98 -13.09
CA ASP D 26 -12.41 15.55 -12.60
C ASP D 26 -11.28 15.37 -13.60
N CYS D 27 -11.16 14.15 -14.11
CA CYS D 27 -10.21 13.81 -15.16
C CYS D 27 -10.39 14.69 -16.40
N GLU D 28 -11.64 14.92 -16.80
CA GLU D 28 -11.91 15.68 -18.02
C GLU D 28 -11.47 17.14 -17.86
N ALA D 29 -11.62 17.66 -16.65
CA ALA D 29 -11.16 19.00 -16.31
C ALA D 29 -9.65 19.05 -16.25
N PHE D 30 -9.07 18.01 -15.67
CA PHE D 30 -7.61 17.87 -15.58
C PHE D 30 -7.00 17.90 -17.00
N TYR D 31 -7.62 17.18 -17.92
CA TYR D 31 -7.18 17.14 -19.30
C TYR D 31 -7.20 18.53 -19.93
N THR D 32 -8.32 19.23 -19.79
CA THR D 32 -8.49 20.57 -20.34
C THR D 32 -7.45 21.52 -19.79
N ASN D 33 -7.24 21.50 -18.49
CA ASN D 33 -6.22 22.34 -17.85
C ASN D 33 -4.81 22.04 -18.39
N LYS D 34 -4.55 20.78 -18.69
CA LYS D 34 -3.24 20.37 -19.15
C LYS D 34 -3.01 20.52 -20.67
N THR D 35 -4.08 20.52 -21.46
CA THR D 35 -3.95 20.56 -22.93
C THR D 35 -4.63 21.73 -23.65
N ASN D 36 -5.53 22.44 -22.96
CA ASN D 36 -6.33 23.50 -23.58
C ASN D 36 -7.28 22.95 -24.63
N GLN D 37 -7.48 21.64 -24.61
CA GLN D 37 -8.44 21.00 -25.48
C GLN D 37 -9.46 20.28 -24.62
N LYS D 38 -10.49 19.74 -25.29
CA LYS D 38 -11.56 19.02 -24.63
C LYS D 38 -11.49 17.57 -25.13
N ALA D 39 -11.64 16.59 -24.23
CA ALA D 39 -11.63 15.20 -24.65
C ALA D 39 -13.06 14.74 -24.92
N PHE D 40 -13.20 13.64 -25.66
CA PHE D 40 -14.50 13.06 -25.91
C PHE D 40 -15.08 12.69 -24.57
N TYR D 41 -14.23 12.02 -23.79
CA TYR D 41 -14.56 11.63 -22.43
C TYR D 41 -13.26 11.15 -21.78
N CYS D 42 -13.32 10.93 -20.46
CA CYS D 42 -12.20 10.36 -19.73
C CYS D 42 -12.66 9.22 -18.83
N ASN D 43 -11.97 8.08 -18.89
CA ASN D 43 -12.14 7.04 -17.87
C ASN D 43 -11.22 7.34 -16.69
N CYS D 44 -11.65 6.93 -15.50
CA CYS D 44 -10.86 7.05 -14.28
C CYS D 44 -10.86 5.77 -13.46
N THR D 45 -9.67 5.32 -13.07
CA THR D 45 -9.56 4.22 -12.12
C THR D 45 -8.44 4.53 -11.13
N SER D 46 -8.41 3.81 -10.02
CA SER D 46 -7.71 4.33 -8.85
C SER D 46 -6.99 3.35 -7.91
N PRO D 47 -6.37 2.28 -8.44
CA PRO D 47 -5.71 1.40 -7.46
C PRO D 47 -4.34 2.01 -7.11
N PHE D 48 -3.66 1.42 -6.13
CA PHE D 48 -2.32 1.86 -5.73
C PHE D 48 -2.20 3.32 -5.30
N ARG D 49 -3.21 3.83 -4.59
CA ARG D 49 -3.19 5.22 -4.09
C ARG D 49 -2.87 6.25 -5.18
N THR D 50 -3.29 5.95 -6.40
CA THR D 50 -2.97 6.77 -7.56
C THR D 50 -4.24 6.93 -8.41
N ARG D 51 -4.50 8.14 -8.90
CA ARG D 51 -5.59 8.35 -9.85
C ARG D 51 -5.10 8.23 -11.31
N TYR D 52 -5.65 7.26 -12.04
CA TYR D 52 -5.28 7.10 -13.45
C TYR D 52 -6.39 7.62 -14.37
N CYS D 53 -6.14 8.73 -15.04
CA CYS D 53 -7.07 9.23 -16.03
C CYS D 53 -6.68 8.70 -17.43
N ASP D 54 -7.63 8.04 -18.07
CA ASP D 54 -7.47 7.59 -19.45
C ASP D 54 -8.39 8.40 -20.32
N CYS D 55 -7.84 9.38 -21.04
CA CYS D 55 -8.67 10.30 -21.80
C CYS D 55 -8.73 10.00 -23.30
N ALA D 56 -9.95 9.81 -23.79
CA ALA D 56 -10.16 9.51 -25.20
C ALA D 56 -9.91 10.74 -26.06
N ILE D 57 -8.93 10.62 -26.93
CA ILE D 57 -8.62 11.68 -27.87
C ILE D 57 -8.54 11.07 -29.27
N ALA D 58 -8.57 11.93 -30.28
CA ALA D 58 -8.35 11.43 -31.63
C ALA D 58 -6.90 11.72 -31.95
N ALA D 59 -6.20 10.80 -32.60
CA ALA D 59 -6.55 9.40 -32.77
C ALA D 59 -5.22 8.78 -33.13
#